data_2FNU
#
_entry.id   2FNU
#
_cell.length_a   87.6
_cell.length_b   145.7
_cell.length_c   66.0
_cell.angle_alpha   90.00
_cell.angle_beta   90.00
_cell.angle_gamma   90.00
#
_symmetry.space_group_name_H-M   'P 21 21 2'
#
loop_
_entity.id
_entity.type
_entity.pdbx_description
1 polymer aminotransferase
2 non-polymer "4'-DEOXY-4'-AMINOPYRIDOXAL-5'-PHOSPHATE"
3 non-polymer URIDINE-DIPHOSPHATE-N-ACETYLGLUCOSAMINE
4 water water
#
_entity_poly.entity_id   1
_entity_poly.type   'polypeptide(L)'
_entity_poly.pdbx_seq_one_letter_code
;MKEFAYSEPCLDKEDKKAVLEVLNSKQLTQGKRSLLFEEALCEFLGVKHALVFNSATSALLTLYRNFSEFSADRNEIITT
PISFVATANMLLESGYTPVFAGIKNDGNIDELALEKLINERTKAIVSVDYAGKSVEVESVQKLCKKHSLSFLSDSSHALG
SEYQNKKVGGFALASVFSFHAIKPITTAEGGAVVTNDSELHEKMKLFRSHGMLKKDFFEGEVKSIGHNFRLNEIQSALGL
SQLKKAPFLMQKREEAALTYDRIFKDNPYFTPLHPLLKDKSSNHLYPILMHQKFFTCKKLILESLHKRGILAQVHYKPIY
QYQLYQQLFNTAPLKSAEDFYHAEISLPCHANLNLESVQNIAHSVLKTFESFKIE
;
_entity_poly.pdbx_strand_id   A,B
#
loop_
_chem_comp.id
_chem_comp.type
_chem_comp.name
_chem_comp.formula
PMP non-polymer 4'-DEOXY-4'-AMINOPYRIDOXAL-5'-PHOSPHATE 'C8 H13 N2 O5 P'
UD1 non-polymer URIDINE-DIPHOSPHATE-N-ACETYLGLUCOSAMINE 'C17 H27 N3 O17 P2'
#
# COMPACT_ATOMS: atom_id res chain seq x y z
N MET A 1 22.45 -9.80 -27.06
CA MET A 1 22.71 -8.32 -27.07
C MET A 1 22.52 -7.71 -25.68
N LYS A 2 23.46 -6.84 -25.31
CA LYS A 2 23.40 -6.11 -24.06
C LYS A 2 22.31 -5.04 -24.16
N GLU A 3 21.36 -5.07 -23.25
CA GLU A 3 20.25 -4.12 -23.25
C GLU A 3 20.34 -3.25 -22.02
N PHE A 4 20.15 -1.94 -22.22
CA PHE A 4 20.28 -1.01 -21.12
C PHE A 4 18.93 -0.40 -20.79
N ALA A 5 18.33 -0.82 -19.68
CA ALA A 5 17.12 -0.18 -19.19
C ALA A 5 17.47 1.25 -18.75
N TYR A 6 16.50 2.14 -18.76
CA TYR A 6 16.82 3.53 -18.46
C TYR A 6 17.19 3.69 -17.00
N SER A 7 16.60 2.86 -16.15
CA SER A 7 16.96 2.79 -14.75
C SER A 7 16.69 1.37 -14.27
N GLU A 8 17.36 0.99 -13.20
CA GLU A 8 17.16 -0.32 -12.61
C GLU A 8 17.60 -0.27 -11.15
N PRO A 9 17.12 -1.21 -10.33
CA PRO A 9 17.54 -1.25 -8.93
C PRO A 9 18.98 -1.72 -8.83
N CYS A 10 19.69 -1.23 -7.81
CA CYS A 10 21.12 -1.51 -7.64
C CYS A 10 21.36 -2.02 -6.22
N LEU A 11 21.02 -3.29 -6.00
CA LEU A 11 21.22 -3.95 -4.70
C LEU A 11 22.59 -4.61 -4.61
N ASP A 12 23.13 -4.68 -3.40
CA ASP A 12 24.39 -5.39 -3.17
C ASP A 12 24.27 -6.44 -2.06
N LYS A 13 25.38 -7.06 -1.70
CA LYS A 13 25.32 -8.15 -0.73
C LYS A 13 24.91 -7.67 0.66
N GLU A 14 25.23 -6.42 0.97
CA GLU A 14 24.86 -5.84 2.25
C GLU A 14 23.34 -5.65 2.34
N ASP A 15 22.73 -5.21 1.23
CA ASP A 15 21.26 -5.09 1.17
C ASP A 15 20.61 -6.44 1.40
N LYS A 16 21.21 -7.46 0.80
CA LYS A 16 20.66 -8.82 0.85
C LYS A 16 20.80 -9.40 2.25
N LYS A 17 21.95 -9.15 2.88
CA LYS A 17 22.15 -9.54 4.26
C LYS A 17 21.12 -8.89 5.18
N ALA A 18 20.84 -7.60 4.95
CA ALA A 18 19.87 -6.87 5.76
C ALA A 18 18.49 -7.49 5.66
N VAL A 19 18.09 -7.86 4.44
CA VAL A 19 16.80 -8.53 4.23
C VAL A 19 16.78 -9.89 4.94
N LEU A 20 17.84 -10.68 4.80
CA LEU A 20 17.90 -11.98 5.48
C LEU A 20 17.74 -11.90 7.00
N GLU A 21 18.36 -10.89 7.61
CA GLU A 21 18.21 -10.68 9.06
C GLU A 21 16.75 -10.56 9.44
N VAL A 22 15.98 -9.81 8.65
CA VAL A 22 14.55 -9.68 8.93
C VAL A 22 13.81 -11.01 8.76
N LEU A 23 14.14 -11.76 7.72
CA LEU A 23 13.46 -13.04 7.48
C LEU A 23 13.68 -14.03 8.63
N ASN A 24 14.78 -13.84 9.36
CA ASN A 24 15.08 -14.71 10.49
C ASN A 24 14.38 -14.28 11.77
N SER A 25 13.74 -13.11 11.75
CA SER A 25 13.09 -12.60 12.95
C SER A 25 11.59 -12.85 12.88
N LYS A 26 10.92 -12.72 14.02
CA LYS A 26 9.48 -12.90 14.04
C LYS A 26 8.73 -11.60 13.77
N GLN A 27 9.45 -10.50 13.52
CA GLN A 27 8.79 -9.22 13.29
C GLN A 27 8.97 -8.78 11.83
N LEU A 28 7.98 -9.12 11.02
CA LEU A 28 8.06 -8.83 9.58
C LEU A 28 7.42 -7.50 9.20
N THR A 29 6.66 -6.92 10.11
CA THR A 29 6.08 -5.61 9.89
C THR A 29 5.84 -4.94 11.23
N GLN A 30 5.51 -3.64 11.20
CA GLN A 30 5.24 -2.89 12.42
C GLN A 30 6.36 -3.07 13.44
N GLY A 31 7.59 -2.86 12.98
CA GLY A 31 8.76 -3.16 13.78
C GLY A 31 9.76 -2.04 13.88
N LYS A 32 10.93 -2.39 14.38
CA LYS A 32 11.94 -1.39 14.68
C LYS A 32 12.62 -0.87 13.44
N ARG A 33 12.68 -1.68 12.38
CA ARG A 33 13.43 -1.30 11.17
C ARG A 33 12.78 -0.12 10.45
N SER A 34 11.45 -0.08 10.40
CA SER A 34 10.77 1.04 9.74
C SER A 34 11.05 2.32 10.51
N LEU A 35 11.04 2.22 11.84
CA LEU A 35 11.38 3.36 12.69
C LEU A 35 12.82 3.83 12.46
N LEU A 36 13.74 2.88 12.39
CA LEU A 36 15.14 3.23 12.12
C LEU A 36 15.29 3.92 10.77
N PHE A 37 14.56 3.42 9.78
CA PHE A 37 14.60 3.99 8.44
C PHE A 37 14.07 5.42 8.46
N GLU A 38 12.93 5.62 9.13
CA GLU A 38 12.38 6.97 9.28
C GLU A 38 13.34 7.94 9.99
N GLU A 39 13.95 7.46 11.07
CA GLU A 39 14.91 8.30 11.80
C GLU A 39 16.12 8.64 10.91
N ALA A 40 16.59 7.67 10.12
CA ALA A 40 17.72 7.90 9.23
C ALA A 40 17.35 8.89 8.12
N LEU A 41 16.10 8.86 7.67
CA LEU A 41 15.66 9.85 6.68
C LEU A 41 15.66 11.25 7.28
N CYS A 42 15.18 11.36 8.53
CA CYS A 42 15.21 12.65 9.21
C CYS A 42 16.63 13.20 9.30
N GLU A 43 17.58 12.36 9.66
CA GLU A 43 18.97 12.84 9.77
C GLU A 43 19.55 13.17 8.41
N PHE A 44 19.30 12.33 7.41
CA PHE A 44 19.84 12.57 6.06
C PHE A 44 19.31 13.89 5.48
N LEU A 45 18.02 14.14 5.67
CA LEU A 45 17.38 15.28 5.03
C LEU A 45 17.38 16.53 5.90
N GLY A 46 17.75 16.40 7.17
CA GLY A 46 17.69 17.51 8.11
C GLY A 46 16.28 17.99 8.38
N VAL A 47 15.35 17.05 8.51
CA VAL A 47 13.97 17.38 8.82
C VAL A 47 13.54 16.76 10.14
N LYS A 48 12.47 17.30 10.70
CA LYS A 48 12.00 16.87 12.01
C LYS A 48 11.33 15.49 12.01
N HIS A 49 10.57 15.20 10.95
CA HIS A 49 9.73 14.01 10.93
C HIS A 49 9.74 13.30 9.58
N ALA A 50 9.62 11.98 9.63
CA ALA A 50 9.45 11.16 8.41
C ALA A 50 8.54 9.99 8.69
N LEU A 51 7.73 9.65 7.68
CA LEU A 51 6.89 8.46 7.71
C LEU A 51 7.05 7.71 6.41
N VAL A 52 7.26 6.41 6.49
CA VAL A 52 7.37 5.60 5.26
C VAL A 52 6.07 4.86 4.97
N PHE A 53 5.83 4.64 3.68
CA PHE A 53 4.55 4.11 3.16
C PHE A 53 4.83 3.04 2.13
N ASN A 54 3.79 2.30 1.75
CA ASN A 54 3.98 1.23 0.76
C ASN A 54 4.36 1.70 -0.65
N SER A 55 4.04 2.96 -0.94
CA SER A 55 4.37 3.58 -2.24
C SER A 55 4.34 5.09 -2.09
N ALA A 56 4.95 5.85 -3.02
CA ALA A 56 4.84 7.30 -2.94
C ALA A 56 3.41 7.76 -3.27
N THR A 57 2.68 6.92 -4.02
CA THR A 57 1.31 7.28 -4.35
C THR A 57 0.44 7.28 -3.09
N SER A 58 0.66 6.29 -2.22
CA SER A 58 -0.04 6.27 -0.93
C SER A 58 0.39 7.45 -0.07
N ALA A 59 1.68 7.78 -0.14
CA ALA A 59 2.20 8.94 0.58
C ALA A 59 1.52 10.23 0.09
N LEU A 60 1.39 10.37 -1.23
CA LEU A 60 0.74 11.57 -1.80
C LEU A 60 -0.70 11.69 -1.33
N LEU A 61 -1.44 10.58 -1.41
CA LEU A 61 -2.83 10.62 -0.95
C LEU A 61 -2.86 11.02 0.51
N THR A 62 -1.99 10.43 1.33
CA THR A 62 -1.98 10.74 2.77
C THR A 62 -1.69 12.21 2.99
N LEU A 63 -0.73 12.75 2.24
CA LEU A 63 -0.43 14.18 2.42
C LEU A 63 -1.60 15.04 1.95
N TYR A 64 -2.14 14.75 0.77
CA TYR A 64 -3.20 15.58 0.25
C TYR A 64 -4.46 15.58 1.12
N ARG A 65 -4.75 14.44 1.74
CA ARG A 65 -5.94 14.32 2.60
C ARG A 65 -5.76 15.01 3.94
N ASN A 66 -4.50 15.14 4.37
CA ASN A 66 -4.22 15.57 5.74
C ASN A 66 -3.61 16.96 5.92
N PHE A 67 -3.05 17.55 4.86
CA PHE A 67 -2.38 18.85 5.05
C PHE A 67 -3.37 19.93 5.50
N SER A 68 -4.63 19.73 5.13
CA SER A 68 -5.75 20.58 5.53
C SER A 68 -7.05 19.80 5.47
N GLU A 69 -8.02 20.18 6.28
CA GLU A 69 -9.37 19.67 6.08
C GLU A 69 -9.83 20.17 4.71
N PHE A 70 -10.60 19.36 4.00
CA PHE A 70 -11.10 19.76 2.69
C PHE A 70 -12.26 20.75 2.81
N SER A 71 -12.23 21.79 1.98
CA SER A 71 -13.38 22.68 1.78
C SER A 71 -13.71 22.78 0.32
N ALA A 72 -15.00 22.61 0.00
CA ALA A 72 -15.47 22.72 -1.37
C ALA A 72 -15.18 24.10 -1.98
N ASP A 73 -15.00 25.10 -1.12
CA ASP A 73 -14.76 26.48 -1.54
C ASP A 73 -13.29 26.73 -1.85
N ARG A 74 -12.42 25.79 -1.47
CA ARG A 74 -10.99 25.94 -1.66
C ARG A 74 -10.44 24.64 -2.25
N ASN A 75 -10.89 24.38 -3.46
CA ASN A 75 -10.77 23.06 -4.08
C ASN A 75 -9.77 22.98 -5.21
N GLU A 76 -9.05 24.08 -5.49
CA GLU A 76 -8.10 24.11 -6.61
C GLU A 76 -6.66 24.02 -6.12
N ILE A 77 -5.88 23.15 -6.77
CA ILE A 77 -4.46 23.07 -6.47
C ILE A 77 -3.68 23.21 -7.77
N ILE A 78 -2.76 24.18 -7.80
CA ILE A 78 -1.93 24.42 -8.97
C ILE A 78 -0.80 23.38 -8.99
N THR A 79 -0.58 22.79 -10.15
CA THR A 79 0.48 21.80 -10.25
C THR A 79 1.03 21.75 -11.65
N THR A 80 1.97 20.85 -11.89
CA THR A 80 2.61 20.73 -13.19
C THR A 80 1.99 19.60 -14.04
N PRO A 81 1.86 19.81 -15.36
CA PRO A 81 1.42 18.70 -16.22
C PRO A 81 2.54 17.70 -16.54
N ILE A 82 3.80 18.07 -16.28
CA ILE A 82 4.91 17.18 -16.59
C ILE A 82 5.31 16.47 -15.29
N SER A 83 4.56 15.42 -14.99
CA SER A 83 4.86 14.53 -13.88
C SER A 83 4.21 13.20 -14.19
N PHE A 84 4.50 12.20 -13.37
CA PHE A 84 3.75 10.97 -13.46
C PHE A 84 2.32 11.22 -13.02
N VAL A 85 1.39 10.47 -13.60
CA VAL A 85 -0.03 10.76 -13.42
C VAL A 85 -0.45 10.73 -11.95
N ALA A 86 0.27 9.96 -11.12
CA ALA A 86 -0.07 9.84 -9.68
C ALA A 86 -0.17 11.19 -8.99
N THR A 87 0.72 12.13 -9.36
CA THR A 87 0.73 13.43 -8.68
C THR A 87 -0.65 14.11 -8.76
N ALA A 88 -1.32 13.92 -9.90
CA ALA A 88 -2.64 14.51 -10.13
C ALA A 88 -3.79 13.55 -9.76
N ASN A 89 -3.64 12.26 -10.00
CA ASN A 89 -4.71 11.30 -9.65
C ASN A 89 -5.04 11.42 -8.16
N MET A 90 -4.01 11.61 -7.33
CA MET A 90 -4.24 11.70 -5.89
C MET A 90 -4.91 13.01 -5.50
N LEU A 91 -4.74 14.05 -6.34
CA LEU A 91 -5.51 15.30 -6.14
C LEU A 91 -7.00 14.99 -6.34
N LEU A 92 -7.33 14.35 -7.46
CA LEU A 92 -8.72 13.97 -7.71
C LEU A 92 -9.29 13.13 -6.57
N GLU A 93 -8.53 12.16 -6.07
CA GLU A 93 -9.03 11.30 -4.99
C GLU A 93 -9.20 12.05 -3.67
N SER A 94 -8.59 13.22 -3.55
CA SER A 94 -8.66 14.02 -2.34
C SER A 94 -9.66 15.16 -2.47
N GLY A 95 -10.33 15.24 -3.63
CA GLY A 95 -11.39 16.22 -3.85
C GLY A 95 -10.95 17.46 -4.61
N TYR A 96 -9.65 17.52 -4.94
CA TYR A 96 -9.10 18.72 -5.58
C TYR A 96 -9.10 18.70 -7.09
N THR A 97 -9.29 19.88 -7.69
CA THR A 97 -9.16 20.08 -9.12
C THR A 97 -7.76 20.58 -9.40
N PRO A 98 -7.00 19.83 -10.22
CA PRO A 98 -5.68 20.32 -10.59
C PRO A 98 -5.81 21.46 -11.61
N VAL A 99 -4.94 22.46 -11.44
CA VAL A 99 -4.85 23.59 -12.33
C VAL A 99 -3.43 23.57 -12.87
N PHE A 100 -3.29 23.29 -14.16
CA PHE A 100 -1.97 23.02 -14.73
C PHE A 100 -1.24 24.26 -15.18
N ALA A 101 -0.03 24.43 -14.62
CA ALA A 101 0.84 25.55 -14.95
C ALA A 101 1.83 25.21 -16.07
N GLY A 102 2.32 26.25 -16.73
CA GLY A 102 3.40 26.10 -17.69
C GLY A 102 4.68 25.60 -17.03
N ILE A 103 5.56 25.04 -17.85
CA ILE A 103 6.84 24.57 -17.37
C ILE A 103 7.99 25.28 -18.11
N LYS A 104 9.19 25.03 -17.63
CA LYS A 104 10.41 25.62 -18.17
C LYS A 104 11.17 24.62 -19.03
N ASN A 105 12.27 25.09 -19.63
CA ASN A 105 13.13 24.30 -20.49
C ASN A 105 13.63 23.03 -19.80
N ASP A 106 13.74 23.09 -18.48
CA ASP A 106 14.30 21.99 -17.71
C ASP A 106 13.24 21.02 -17.19
N GLY A 107 11.99 21.20 -17.60
CA GLY A 107 10.94 20.27 -17.20
C GLY A 107 10.20 20.68 -15.94
N ASN A 108 10.77 21.64 -15.20
CA ASN A 108 10.18 22.06 -13.92
C ASN A 108 9.09 23.12 -14.07
N ILE A 109 8.19 23.14 -13.09
CA ILE A 109 7.07 24.08 -13.09
C ILE A 109 7.64 25.50 -13.16
N ASP A 110 6.99 26.36 -13.96
CA ASP A 110 7.51 27.70 -14.19
C ASP A 110 7.04 28.62 -13.07
N GLU A 111 7.96 28.95 -12.16
CA GLU A 111 7.60 29.75 -10.97
C GLU A 111 7.09 31.13 -11.35
N LEU A 112 7.40 31.58 -12.57
CA LEU A 112 6.94 32.90 -13.06
C LEU A 112 5.55 32.85 -13.69
N ALA A 113 4.99 31.65 -13.81
CA ALA A 113 3.71 31.45 -14.48
C ALA A 113 2.62 30.97 -13.53
N LEU A 114 2.87 31.07 -12.23
CA LEU A 114 1.97 30.53 -11.22
C LEU A 114 0.98 31.55 -10.70
N GLU A 115 1.45 32.78 -10.48
CA GLU A 115 0.62 33.77 -9.80
C GLU A 115 -0.67 34.05 -10.54
N LYS A 116 -0.59 34.08 -11.87
CA LYS A 116 -1.77 34.36 -12.70
C LYS A 116 -2.89 33.32 -12.56
N LEU A 117 -2.54 32.15 -12.02
CA LEU A 117 -3.50 31.05 -11.90
C LEU A 117 -4.18 31.02 -10.55
N ILE A 118 -3.71 31.86 -9.62
CA ILE A 118 -4.24 31.89 -8.27
C ILE A 118 -5.56 32.64 -8.26
N ASN A 119 -6.56 32.05 -7.62
CA ASN A 119 -7.84 32.72 -7.39
C ASN A 119 -8.33 32.36 -6.00
N GLU A 120 -9.57 32.73 -5.67
CA GLU A 120 -10.10 32.51 -4.33
C GLU A 120 -10.28 31.03 -3.96
N ARG A 121 -10.25 30.15 -4.95
CA ARG A 121 -10.42 28.71 -4.71
C ARG A 121 -9.09 27.98 -4.51
N THR A 122 -7.98 28.67 -4.75
CA THR A 122 -6.66 28.03 -4.70
C THR A 122 -6.29 27.69 -3.25
N LYS A 123 -5.90 26.44 -3.03
CA LYS A 123 -5.57 25.96 -1.69
C LYS A 123 -4.04 25.75 -1.53
N ALA A 124 -3.39 25.34 -2.63
CA ALA A 124 -2.00 24.90 -2.55
C ALA A 124 -1.34 24.90 -3.93
N ILE A 125 -0.02 24.79 -3.94
CA ILE A 125 0.74 24.52 -5.15
C ILE A 125 1.52 23.25 -4.89
N VAL A 126 1.46 22.30 -5.83
CA VAL A 126 2.23 21.05 -5.76
C VAL A 126 3.24 21.07 -6.90
N SER A 127 4.52 21.22 -6.54
CA SER A 127 5.59 21.19 -7.53
C SER A 127 6.20 19.80 -7.59
N VAL A 128 6.97 19.55 -8.65
CA VAL A 128 7.68 18.29 -8.83
C VAL A 128 9.14 18.62 -9.16
N ASP A 129 10.08 17.96 -8.48
CA ASP A 129 11.49 18.14 -8.83
C ASP A 129 11.81 17.18 -9.97
N TYR A 130 11.65 17.66 -11.21
CA TYR A 130 11.73 16.79 -12.36
C TYR A 130 13.15 16.30 -12.57
N ALA A 131 13.29 14.98 -12.69
CA ALA A 131 14.57 14.31 -12.89
C ALA A 131 15.49 14.39 -11.69
N GLY A 132 14.99 14.99 -10.61
CA GLY A 132 15.81 15.25 -9.42
C GLY A 132 16.17 16.72 -9.24
N LYS A 133 15.96 17.53 -10.27
CA LYS A 133 16.36 18.94 -10.19
C LYS A 133 15.38 19.72 -9.33
N SER A 134 15.87 20.34 -8.25
CA SER A 134 15.00 21.14 -7.41
C SER A 134 14.32 22.24 -8.21
N VAL A 135 13.04 22.47 -7.92
CA VAL A 135 12.35 23.65 -8.42
C VAL A 135 12.92 24.92 -7.76
N GLU A 136 12.48 26.08 -8.23
CA GLU A 136 12.90 27.35 -7.65
C GLU A 136 12.16 27.59 -6.34
N VAL A 137 12.67 26.95 -5.30
CA VAL A 137 12.04 26.88 -4.01
C VAL A 137 11.74 28.24 -3.38
N GLU A 138 12.70 29.16 -3.40
CA GLU A 138 12.48 30.44 -2.72
C GLU A 138 11.31 31.19 -3.36
N SER A 139 11.24 31.18 -4.69
CA SER A 139 10.16 31.87 -5.40
C SER A 139 8.80 31.27 -5.03
N VAL A 140 8.74 29.94 -4.98
CA VAL A 140 7.49 29.27 -4.68
C VAL A 140 7.07 29.53 -3.23
N GLN A 141 8.05 29.48 -2.32
CA GLN A 141 7.76 29.72 -0.91
C GLN A 141 7.17 31.11 -0.73
N LYS A 142 7.79 32.10 -1.36
CA LYS A 142 7.36 33.48 -1.18
C LYS A 142 5.95 33.69 -1.74
N LEU A 143 5.67 33.07 -2.89
CA LEU A 143 4.36 33.20 -3.51
C LEU A 143 3.29 32.55 -2.63
N CYS A 144 3.63 31.40 -2.06
CA CYS A 144 2.69 30.70 -1.17
C CYS A 144 2.42 31.51 0.09
N LYS A 145 3.46 32.15 0.62
CA LYS A 145 3.30 33.03 1.79
C LYS A 145 2.40 34.22 1.43
N LYS A 146 2.70 34.85 0.31
CA LYS A 146 1.97 36.02 -0.15
C LYS A 146 0.46 35.74 -0.28
N HIS A 147 0.13 34.54 -0.78
CA HIS A 147 -1.27 34.19 -1.06
C HIS A 147 -1.91 33.20 -0.07
N SER A 148 -1.22 32.91 1.03
CA SER A 148 -1.73 32.02 2.07
C SER A 148 -2.11 30.64 1.51
N LEU A 149 -1.19 30.11 0.71
CA LEU A 149 -1.30 28.76 0.13
C LEU A 149 -0.31 27.81 0.83
N SER A 150 -0.62 26.52 0.81
CA SER A 150 0.36 25.53 1.22
C SER A 150 1.25 25.15 0.06
N PHE A 151 2.55 25.03 0.33
CA PHE A 151 3.53 24.55 -0.63
C PHE A 151 3.76 23.06 -0.33
N LEU A 152 3.36 22.20 -1.28
CA LEU A 152 3.58 20.75 -1.17
C LEU A 152 4.53 20.34 -2.28
N SER A 153 5.49 19.47 -1.97
CA SER A 153 6.51 19.08 -2.94
C SER A 153 6.46 17.59 -3.24
N ASP A 154 6.20 17.24 -4.50
CA ASP A 154 6.36 15.87 -4.93
C ASP A 154 7.81 15.71 -5.35
N SER A 155 8.63 15.31 -4.39
CA SER A 155 10.06 15.17 -4.57
C SER A 155 10.42 13.70 -4.84
N SER A 156 9.48 12.96 -5.47
CA SER A 156 9.66 11.52 -5.67
C SER A 156 10.96 11.16 -6.35
N HIS A 157 11.45 12.04 -7.25
CA HIS A 157 12.69 11.78 -8.00
C HIS A 157 13.94 12.22 -7.27
N ALA A 158 13.79 12.93 -6.15
CA ALA A 158 14.83 13.87 -5.69
C ALA A 158 15.54 13.59 -4.38
N LEU A 159 15.51 12.35 -3.89
CA LEU A 159 16.20 12.06 -2.65
C LEU A 159 17.71 12.34 -2.82
N GLY A 160 18.24 13.26 -2.01
CA GLY A 160 19.67 13.64 -2.12
C GLY A 160 19.90 14.90 -2.95
N SER A 161 18.87 15.35 -3.69
CA SER A 161 18.99 16.61 -4.43
C SER A 161 19.08 17.77 -3.46
N GLU A 162 19.65 18.88 -3.95
CA GLU A 162 19.86 20.07 -3.11
C GLU A 162 19.30 21.34 -3.74
N TYR A 163 19.03 22.33 -2.89
CA TYR A 163 18.72 23.68 -3.34
C TYR A 163 19.52 24.60 -2.44
N GLN A 164 20.32 25.47 -3.05
CA GLN A 164 21.21 26.36 -2.28
C GLN A 164 21.96 25.57 -1.22
N ASN A 165 22.54 24.43 -1.64
CA ASN A 165 23.36 23.58 -0.78
C ASN A 165 22.67 22.91 0.42
N LYS A 166 21.34 22.90 0.42
CA LYS A 166 20.58 22.22 1.47
C LYS A 166 19.71 21.14 0.85
N LYS A 167 19.45 20.06 1.58
CA LYS A 167 18.69 18.95 1.01
C LYS A 167 17.23 19.27 0.73
N VAL A 168 16.78 18.95 -0.48
CA VAL A 168 15.35 18.87 -0.79
C VAL A 168 14.67 17.98 0.24
N GLY A 169 13.50 18.42 0.72
CA GLY A 169 12.80 17.67 1.76
C GLY A 169 12.26 18.59 2.84
N GLY A 170 13.01 19.66 3.12
CA GLY A 170 12.64 20.53 4.24
C GLY A 170 12.06 21.86 3.83
N PHE A 171 11.91 22.09 2.53
CA PHE A 171 11.53 23.42 2.04
C PHE A 171 10.04 23.69 2.02
N ALA A 172 9.26 22.62 1.84
CA ALA A 172 7.82 22.75 1.69
C ALA A 172 7.12 22.41 3.00
N LEU A 173 5.80 22.63 3.06
CA LEU A 173 5.04 22.16 4.21
C LEU A 173 5.33 20.68 4.46
N ALA A 174 5.32 19.91 3.37
CA ALA A 174 5.76 18.54 3.45
C ALA A 174 6.24 18.12 2.07
N SER A 175 7.08 17.08 2.02
CA SER A 175 7.60 16.61 0.74
C SER A 175 7.49 15.09 0.68
N VAL A 176 7.24 14.59 -0.53
CA VAL A 176 7.12 13.14 -0.77
C VAL A 176 8.33 12.62 -1.53
N PHE A 177 8.80 11.44 -1.14
CA PHE A 177 9.84 10.71 -1.86
C PHE A 177 9.33 9.33 -2.26
N SER A 178 9.87 8.80 -3.35
CA SER A 178 9.55 7.42 -3.79
C SER A 178 10.75 6.50 -3.69
N PHE A 179 10.49 5.27 -3.25
CA PHE A 179 11.52 4.22 -3.21
C PHE A 179 11.15 3.06 -4.12
N HIS A 180 10.37 3.35 -5.17
CA HIS A 180 10.10 2.38 -6.20
C HIS A 180 11.41 1.79 -6.72
N ALA A 181 11.33 0.59 -7.29
CA ALA A 181 12.48 -0.15 -7.77
C ALA A 181 13.51 0.65 -8.57
N ILE A 182 13.06 1.62 -9.36
CA ILE A 182 14.00 2.33 -10.23
C ILE A 182 14.39 3.72 -9.72
N LYS A 183 14.00 4.02 -8.47
CA LYS A 183 14.24 5.35 -7.91
C LYS A 183 15.64 5.48 -7.26
N PRO A 184 16.03 6.69 -6.85
CA PRO A 184 17.40 6.86 -6.32
C PRO A 184 17.88 5.84 -5.28
N ILE A 185 17.00 5.48 -4.34
CA ILE A 185 17.19 4.25 -3.57
C ILE A 185 15.88 3.50 -3.60
N THR A 186 15.92 2.22 -3.27
CA THR A 186 14.71 1.42 -3.40
C THR A 186 14.36 0.56 -2.18
N THR A 187 13.06 0.34 -2.02
CA THR A 187 12.50 -0.65 -1.11
C THR A 187 11.58 -1.59 -1.91
N ALA A 188 11.84 -1.70 -3.23
CA ALA A 188 11.01 -2.42 -4.22
C ALA A 188 9.74 -1.64 -4.59
N GLU A 189 8.86 -1.43 -3.61
CA GLU A 189 7.86 -0.38 -3.67
C GLU A 189 7.98 0.37 -2.35
N GLY A 190 7.80 1.69 -2.38
CA GLY A 190 7.79 2.43 -1.12
C GLY A 190 7.76 3.92 -1.36
N GLY A 191 7.42 4.64 -0.32
CA GLY A 191 7.49 6.10 -0.36
C GLY A 191 7.64 6.69 1.04
N ALA A 192 7.71 8.03 1.11
CA ALA A 192 7.84 8.70 2.40
C ALA A 192 7.17 10.05 2.31
N VAL A 193 6.63 10.52 3.43
CA VAL A 193 6.33 11.95 3.55
C VAL A 193 7.19 12.44 4.68
N VAL A 194 7.87 13.56 4.44
CA VAL A 194 8.68 14.18 5.49
C VAL A 194 8.14 15.59 5.75
N THR A 195 8.30 16.07 6.98
CA THR A 195 7.75 17.38 7.32
C THR A 195 8.41 17.91 8.58
N ASN A 196 8.32 19.23 8.77
CA ASN A 196 8.71 19.84 10.04
C ASN A 196 7.49 20.19 10.91
N ASP A 197 6.30 19.87 10.42
CA ASP A 197 5.05 20.21 11.12
C ASP A 197 4.61 18.99 11.90
N SER A 198 4.75 19.03 13.21
CA SER A 198 4.48 17.86 14.04
C SER A 198 3.03 17.41 14.00
N GLU A 199 2.09 18.35 13.98
CA GLU A 199 0.68 17.98 13.96
C GLU A 199 0.34 17.25 12.68
N LEU A 200 0.91 17.72 11.57
CA LEU A 200 0.68 17.08 10.28
C LEU A 200 1.28 15.67 10.30
N HIS A 201 2.51 15.54 10.80
CA HIS A 201 3.11 14.22 10.99
C HIS A 201 2.15 13.29 11.74
N GLU A 202 1.60 13.77 12.86
CA GLU A 202 0.78 12.89 13.70
C GLU A 202 -0.50 12.48 12.96
N LYS A 203 -1.08 13.40 12.19
CA LYS A 203 -2.29 13.10 11.43
C LYS A 203 -2.01 12.03 10.39
N MET A 204 -0.91 12.20 9.66
CA MET A 204 -0.53 11.23 8.62
C MET A 204 -0.20 9.87 9.20
N LYS A 205 0.44 9.85 10.38
CA LYS A 205 0.81 8.60 11.03
C LYS A 205 -0.43 7.75 11.26
N LEU A 206 -1.49 8.36 11.78
CA LEU A 206 -2.74 7.65 12.01
C LEU A 206 -3.41 7.21 10.71
N PHE A 207 -3.40 8.10 9.72
CA PHE A 207 -4.04 7.80 8.42
C PHE A 207 -3.40 6.60 7.74
N ARG A 208 -2.11 6.41 7.96
CA ARG A 208 -1.35 5.30 7.38
C ARG A 208 -1.79 3.93 7.94
N SER A 209 -2.37 3.93 9.14
CA SER A 209 -2.63 2.69 9.85
C SER A 209 -3.94 2.75 10.66
N HIS A 210 -5.05 2.76 9.91
CA HIS A 210 -6.40 2.48 10.43
C HIS A 210 -7.00 3.56 11.31
N GLY A 211 -6.28 4.67 11.49
CA GLY A 211 -6.68 5.69 12.46
C GLY A 211 -6.56 5.20 13.91
N MET A 212 -5.84 4.09 14.11
CA MET A 212 -5.84 3.42 15.41
C MET A 212 -4.79 3.99 16.37
N LEU A 213 -5.23 4.34 17.57
CA LEU A 213 -4.33 4.78 18.62
C LEU A 213 -4.52 3.78 19.75
N LYS A 214 -3.47 3.05 20.08
CA LYS A 214 -3.61 2.02 21.11
C LYS A 214 -3.52 2.61 22.51
N LYS A 215 -4.52 2.30 23.34
CA LYS A 215 -4.53 2.62 24.78
C LYS A 215 -3.62 1.67 25.54
N ASP A 216 -3.70 0.39 25.21
CA ASP A 216 -2.86 -0.65 25.79
C ASP A 216 -2.78 -1.77 24.76
N PHE A 217 -2.21 -2.91 25.14
CA PHE A 217 -2.09 -4.05 24.22
C PHE A 217 -3.46 -4.41 23.63
N PHE A 218 -4.50 -4.30 24.45
CA PHE A 218 -5.79 -4.90 24.16
C PHE A 218 -6.82 -4.00 23.51
N GLU A 219 -6.67 -2.69 23.65
CA GLU A 219 -7.71 -1.78 23.19
C GLU A 219 -7.15 -0.56 22.50
N GLY A 220 -7.82 -0.13 21.44
CA GLY A 220 -7.47 1.10 20.77
C GLY A 220 -8.68 2.00 20.61
N GLU A 221 -8.40 3.17 20.05
CA GLU A 221 -9.44 4.11 19.69
C GLU A 221 -9.21 4.55 18.27
N VAL A 222 -10.32 4.81 17.57
CA VAL A 222 -10.31 5.28 16.19
C VAL A 222 -11.21 6.54 16.16
N LYS A 223 -10.57 7.70 16.05
CA LYS A 223 -11.29 8.97 15.97
C LYS A 223 -11.56 9.40 14.53
N SER A 224 -10.69 8.94 13.63
CA SER A 224 -10.74 9.31 12.22
C SER A 224 -10.27 8.11 11.41
N ILE A 225 -10.61 8.10 10.12
CA ILE A 225 -10.28 6.99 9.23
C ILE A 225 -8.78 6.84 9.05
N GLY A 226 -8.36 5.61 8.73
CA GLY A 226 -7.04 5.39 8.17
C GLY A 226 -7.10 4.14 7.30
N HIS A 227 -5.97 3.84 6.65
CA HIS A 227 -5.83 2.73 5.70
C HIS A 227 -4.76 1.78 6.21
N ASN A 228 -4.24 0.92 5.35
CA ASN A 228 -3.00 0.20 5.66
C ASN A 228 -2.03 0.45 4.53
N PHE A 229 -1.26 1.54 4.68
CA PHE A 229 -0.24 1.91 3.71
C PHE A 229 1.13 1.71 4.33
N ARG A 230 1.25 0.80 5.29
CA ARG A 230 2.53 0.63 5.99
C ARG A 230 3.60 0.05 5.06
N LEU A 231 4.86 0.38 5.37
CA LEU A 231 6.02 -0.29 4.79
C LEU A 231 6.48 -1.36 5.77
N ASN A 232 6.64 -2.58 5.28
CA ASN A 232 6.98 -3.69 6.17
C ASN A 232 8.48 -3.72 6.52
N GLU A 233 8.88 -4.66 7.37
CA GLU A 233 10.25 -4.67 7.89
C GLU A 233 11.26 -5.13 6.86
N ILE A 234 10.84 -5.99 5.94
CA ILE A 234 11.74 -6.47 4.90
C ILE A 234 12.15 -5.27 4.04
N GLN A 235 11.15 -4.53 3.59
CA GLN A 235 11.40 -3.37 2.73
C GLN A 235 12.12 -2.26 3.49
N SER A 236 11.78 -2.08 4.77
CA SER A 236 12.44 -1.05 5.59
C SER A 236 13.93 -1.39 5.79
N ALA A 237 14.24 -2.67 5.95
CA ALA A 237 15.65 -3.09 6.04
C ALA A 237 16.40 -2.75 4.75
N LEU A 238 15.76 -3.06 3.62
CA LEU A 238 16.31 -2.72 2.32
C LEU A 238 16.53 -1.20 2.20
N GLY A 239 15.49 -0.43 2.57
CA GLY A 239 15.55 1.04 2.47
C GLY A 239 16.68 1.64 3.27
N LEU A 240 16.83 1.18 4.52
CA LEU A 240 17.86 1.73 5.38
C LEU A 240 19.24 1.36 4.81
N SER A 241 19.40 0.11 4.38
CA SER A 241 20.67 -0.31 3.81
C SER A 241 21.02 0.52 2.56
N GLN A 242 20.03 0.82 1.73
CA GLN A 242 20.23 1.63 0.54
C GLN A 242 20.52 3.08 0.93
N LEU A 243 19.77 3.62 1.88
CA LEU A 243 19.97 5.01 2.29
C LEU A 243 21.39 5.24 2.82
N LYS A 244 21.94 4.26 3.52
CA LYS A 244 23.29 4.38 4.06
C LYS A 244 24.33 4.58 2.94
N LYS A 245 23.99 4.20 1.70
CA LYS A 245 24.92 4.43 0.58
C LYS A 245 24.33 5.37 -0.48
N ALA A 246 23.34 6.17 -0.08
CA ALA A 246 22.67 7.05 -1.04
C ALA A 246 23.66 8.02 -1.75
N PRO A 247 24.56 8.69 -0.99
CA PRO A 247 25.55 9.55 -1.68
C PRO A 247 26.42 8.81 -2.70
N PHE A 248 26.80 7.58 -2.39
CA PHE A 248 27.54 6.76 -3.33
C PHE A 248 26.72 6.48 -4.61
N LEU A 249 25.46 6.09 -4.42
CA LEU A 249 24.65 5.71 -5.58
C LEU A 249 24.40 6.95 -6.44
N MET A 250 24.14 8.07 -5.78
CA MET A 250 23.92 9.34 -6.47
C MET A 250 25.16 9.75 -7.25
N GLN A 251 26.33 9.58 -6.65
CA GLN A 251 27.56 9.94 -7.36
C GLN A 251 27.87 9.02 -8.53
N LYS A 252 27.47 7.75 -8.46
CA LYS A 252 27.65 6.88 -9.63
C LYS A 252 26.82 7.40 -10.80
N ARG A 253 25.62 7.86 -10.52
CA ARG A 253 24.76 8.43 -11.54
C ARG A 253 25.34 9.77 -12.04
N GLU A 254 25.85 10.59 -11.13
CA GLU A 254 26.52 11.85 -11.51
C GLU A 254 27.72 11.59 -12.43
N GLU A 255 28.51 10.56 -12.11
CA GLU A 255 29.66 10.20 -12.93
C GLU A 255 29.22 9.83 -14.37
N ALA A 256 28.15 9.05 -14.48
CA ALA A 256 27.59 8.71 -15.79
C ALA A 256 27.14 9.97 -16.50
N ALA A 257 26.39 10.81 -15.80
CA ALA A 257 25.90 12.06 -16.38
C ALA A 257 27.06 12.92 -16.91
N LEU A 258 28.16 13.02 -16.17
CA LEU A 258 29.27 13.86 -16.59
C LEU A 258 29.91 13.31 -17.85
N THR A 259 29.94 11.98 -17.98
CA THR A 259 30.49 11.36 -19.19
C THR A 259 29.59 11.61 -20.39
N TYR A 260 28.28 11.45 -20.23
CA TYR A 260 27.37 11.81 -21.31
C TYR A 260 27.58 13.28 -21.71
N ASP A 261 27.67 14.17 -20.72
CA ASP A 261 27.80 15.60 -20.99
C ASP A 261 29.01 15.83 -21.87
N ARG A 262 30.12 15.20 -21.52
CA ARG A 262 31.37 15.42 -22.29
C ARG A 262 31.22 15.01 -23.76
N ILE A 263 30.63 13.84 -23.99
CA ILE A 263 30.53 13.31 -25.34
C ILE A 263 29.47 14.09 -26.14
N PHE A 264 28.44 14.57 -25.43
CA PHE A 264 27.34 15.28 -26.07
C PHE A 264 27.56 16.79 -26.28
N LYS A 265 28.61 17.35 -25.69
CA LYS A 265 28.76 18.81 -25.68
C LYS A 265 28.70 19.39 -27.08
N ASP A 266 27.82 20.38 -27.23
CA ASP A 266 27.65 21.17 -28.47
C ASP A 266 27.18 20.37 -29.69
N ASN A 267 26.73 19.12 -29.49
CA ASN A 267 26.20 18.36 -30.65
C ASN A 267 24.95 19.06 -31.23
N PRO A 268 24.70 18.92 -32.53
CA PRO A 268 23.59 19.65 -33.15
C PRO A 268 22.22 18.96 -33.07
N TYR A 269 22.13 17.81 -32.42
CA TYR A 269 20.92 17.00 -32.52
C TYR A 269 19.97 17.17 -31.33
N PHE A 270 20.56 17.27 -30.14
CA PHE A 270 19.80 17.34 -28.91
C PHE A 270 20.60 18.01 -27.80
N THR A 271 19.89 18.49 -26.79
CA THR A 271 20.50 19.22 -25.68
C THR A 271 20.27 18.49 -24.35
N PRO A 272 21.36 18.09 -23.67
CA PRO A 272 21.20 17.50 -22.35
C PRO A 272 20.88 18.56 -21.32
N LEU A 273 20.09 18.18 -20.31
CA LEU A 273 19.75 19.15 -19.27
C LEU A 273 20.81 19.19 -18.16
N HIS A 274 21.55 18.10 -17.98
CA HIS A 274 22.43 18.00 -16.81
C HIS A 274 23.47 19.14 -16.65
N PRO A 275 24.07 19.62 -17.76
CA PRO A 275 25.00 20.75 -17.60
C PRO A 275 24.41 22.03 -17.00
N LEU A 276 23.09 22.14 -16.99
CA LEU A 276 22.43 23.36 -16.55
C LEU A 276 22.18 23.36 -15.05
N LEU A 277 22.47 22.25 -14.36
CA LEU A 277 22.23 22.19 -12.91
C LEU A 277 22.97 23.32 -12.17
N LYS A 278 22.32 23.84 -11.13
CA LYS A 278 22.96 24.83 -10.27
C LYS A 278 23.20 24.30 -8.86
N ASP A 279 22.66 23.11 -8.57
CA ASP A 279 22.83 22.43 -7.29
C ASP A 279 22.93 20.94 -7.57
N LYS A 280 23.39 20.17 -6.59
CA LYS A 280 23.41 18.72 -6.74
C LYS A 280 22.03 18.18 -7.05
N SER A 281 22.00 17.17 -7.92
CA SER A 281 20.78 16.45 -8.24
C SER A 281 20.95 14.98 -7.95
N SER A 282 19.85 14.33 -7.55
CA SER A 282 19.85 12.89 -7.42
C SER A 282 20.17 12.19 -8.75
N ASN A 283 19.97 12.89 -9.87
CA ASN A 283 20.18 12.30 -11.21
C ASN A 283 19.29 11.07 -11.40
N HIS A 284 18.04 11.14 -10.95
CA HIS A 284 17.12 10.04 -11.20
C HIS A 284 16.99 9.76 -12.70
N LEU A 285 16.90 10.84 -13.48
CA LEU A 285 16.89 10.72 -14.95
C LEU A 285 18.04 11.49 -15.55
N TYR A 286 18.41 11.10 -16.78
CA TYR A 286 19.29 11.90 -17.62
C TYR A 286 18.50 12.28 -18.89
N PRO A 287 17.79 13.42 -18.85
CA PRO A 287 17.00 13.83 -20.01
C PRO A 287 17.82 14.53 -21.07
N ILE A 288 17.50 14.22 -22.32
CA ILE A 288 17.95 15.03 -23.46
C ILE A 288 16.74 15.61 -24.17
N LEU A 289 16.92 16.79 -24.79
CA LEU A 289 15.82 17.44 -25.51
C LEU A 289 16.16 17.53 -26.98
N MET A 290 15.41 16.79 -27.81
CA MET A 290 15.71 16.76 -29.25
C MET A 290 15.44 18.11 -29.88
N HIS A 291 16.23 18.44 -30.90
CA HIS A 291 15.91 19.53 -31.81
C HIS A 291 14.50 19.32 -32.39
N GLN A 292 13.76 20.41 -32.56
CA GLN A 292 12.40 20.35 -33.10
C GLN A 292 12.31 19.63 -34.46
N LYS A 293 13.40 19.63 -35.23
CA LYS A 293 13.42 18.99 -36.54
C LYS A 293 13.20 17.48 -36.45
N PHE A 294 13.37 16.93 -35.25
CA PHE A 294 13.18 15.48 -35.04
C PHE A 294 11.82 15.10 -34.46
N PHE A 295 11.00 16.10 -34.07
CA PHE A 295 9.71 15.82 -33.42
C PHE A 295 8.84 14.80 -34.18
N THR A 296 8.67 15.01 -35.49
CA THR A 296 7.79 14.13 -36.28
C THR A 296 8.32 12.72 -36.45
N CYS A 297 9.62 12.51 -36.27
CA CYS A 297 10.13 11.14 -36.37
C CYS A 297 10.53 10.51 -35.03
N LYS A 298 10.00 11.05 -33.94
CA LYS A 298 10.40 10.59 -32.61
C LYS A 298 10.19 9.09 -32.38
N LYS A 299 9.05 8.56 -32.84
CA LYS A 299 8.78 7.13 -32.65
C LYS A 299 9.86 6.29 -33.33
N LEU A 300 10.27 6.68 -34.54
CA LEU A 300 11.32 5.96 -35.26
C LEU A 300 12.66 6.06 -34.55
N ILE A 301 12.92 7.22 -33.94
CA ILE A 301 14.16 7.43 -33.19
C ILE A 301 14.18 6.52 -31.95
N LEU A 302 13.07 6.50 -31.22
CA LEU A 302 12.97 5.66 -30.01
C LEU A 302 13.10 4.18 -30.39
N GLU A 303 12.42 3.79 -31.45
CA GLU A 303 12.50 2.41 -31.93
C GLU A 303 13.93 2.06 -32.35
N SER A 304 14.61 2.99 -33.01
CA SER A 304 16.00 2.77 -33.39
C SER A 304 16.94 2.64 -32.17
N LEU A 305 16.72 3.48 -31.16
CA LEU A 305 17.48 3.35 -29.91
C LEU A 305 17.27 1.98 -29.28
N HIS A 306 16.01 1.57 -29.17
CA HIS A 306 15.71 0.25 -28.59
C HIS A 306 16.36 -0.89 -29.37
N LYS A 307 16.39 -0.76 -30.71
CA LYS A 307 17.04 -1.78 -31.56
C LYS A 307 18.52 -1.88 -31.30
N ARG A 308 19.13 -0.78 -30.83
CA ARG A 308 20.53 -0.74 -30.44
C ARG A 308 20.72 -1.14 -28.96
N GLY A 309 19.64 -1.52 -28.29
CA GLY A 309 19.70 -1.96 -26.89
C GLY A 309 19.71 -0.81 -25.90
N ILE A 310 19.38 0.38 -26.37
CA ILE A 310 19.28 1.55 -25.49
C ILE A 310 17.78 1.77 -25.21
N LEU A 311 17.31 1.27 -24.06
CA LEU A 311 15.88 1.19 -23.80
C LEU A 311 15.35 2.50 -23.22
N ALA A 312 15.50 3.55 -24.01
CA ALA A 312 15.12 4.89 -23.57
C ALA A 312 13.61 5.02 -23.38
N GLN A 313 13.22 5.96 -22.53
CA GLN A 313 11.82 6.18 -22.22
C GLN A 313 11.55 7.69 -22.26
N VAL A 314 10.28 8.09 -22.26
CA VAL A 314 9.88 9.51 -22.27
C VAL A 314 9.16 9.83 -20.97
N HIS A 315 9.55 10.94 -20.34
CA HIS A 315 8.93 11.43 -19.11
C HIS A 315 8.60 12.91 -19.34
N TYR A 316 7.34 13.31 -19.54
CA TYR A 316 6.11 12.51 -19.44
C TYR A 316 5.11 13.10 -20.42
N LYS A 317 4.15 12.28 -20.84
CA LYS A 317 2.95 12.80 -21.49
C LYS A 317 2.27 13.84 -20.58
N PRO A 318 1.95 15.03 -21.11
CA PRO A 318 1.28 16.00 -20.24
C PRO A 318 0.00 15.40 -19.64
N ILE A 319 -0.18 15.51 -18.32
CA ILE A 319 -1.24 14.78 -17.65
C ILE A 319 -2.61 15.14 -18.22
N TYR A 320 -2.78 16.40 -18.64
CA TYR A 320 -4.10 16.83 -19.13
C TYR A 320 -4.49 16.17 -20.46
N GLN A 321 -3.55 15.51 -21.12
CA GLN A 321 -3.85 14.80 -22.38
C GLN A 321 -4.58 13.49 -22.16
N TYR A 322 -4.50 12.95 -20.94
CA TYR A 322 -5.17 11.68 -20.70
C TYR A 322 -6.69 11.86 -20.79
N GLN A 323 -7.35 10.82 -21.29
CA GLN A 323 -8.81 10.87 -21.50
C GLN A 323 -9.56 11.31 -20.26
N LEU A 324 -9.17 10.80 -19.08
CA LEU A 324 -9.87 11.18 -17.85
C LEU A 324 -9.84 12.69 -17.67
N TYR A 325 -8.67 13.27 -17.86
CA TYR A 325 -8.49 14.69 -17.64
C TYR A 325 -9.17 15.52 -18.72
N GLN A 326 -9.16 15.04 -19.96
CA GLN A 326 -9.91 15.72 -21.02
C GLN A 326 -11.40 15.69 -20.71
N GLN A 327 -11.91 14.54 -20.28
CA GLN A 327 -13.33 14.43 -19.98
C GLN A 327 -13.78 15.35 -18.86
N LEU A 328 -12.97 15.45 -17.81
CA LEU A 328 -13.37 16.24 -16.65
C LEU A 328 -13.16 17.74 -16.85
N PHE A 329 -12.09 18.10 -17.55
CA PHE A 329 -11.63 19.49 -17.55
C PHE A 329 -11.46 20.14 -18.91
N ASN A 330 -11.37 19.35 -19.97
CA ASN A 330 -11.23 19.88 -21.33
C ASN A 330 -10.12 20.92 -21.41
N THR A 331 -8.97 20.58 -20.81
CA THR A 331 -7.85 21.50 -20.67
C THR A 331 -7.25 21.85 -22.03
N ALA A 332 -7.04 23.15 -22.27
CA ALA A 332 -6.31 23.61 -23.47
C ALA A 332 -4.81 23.23 -23.33
N PRO A 333 -4.19 22.77 -24.42
CA PRO A 333 -2.76 22.41 -24.32
C PRO A 333 -1.89 23.61 -23.97
N LEU A 334 -0.79 23.32 -23.27
CA LEU A 334 0.19 24.33 -22.90
C LEU A 334 1.43 24.13 -23.76
N LYS A 335 1.78 25.15 -24.55
CA LYS A 335 2.91 25.02 -25.48
C LYS A 335 4.18 24.48 -24.78
N SER A 336 4.50 25.04 -23.61
CA SER A 336 5.72 24.63 -22.89
C SER A 336 5.71 23.14 -22.58
N ALA A 337 4.55 22.61 -22.18
CA ALA A 337 4.44 21.18 -21.85
C ALA A 337 4.49 20.33 -23.10
N GLU A 338 3.78 20.78 -24.14
CA GLU A 338 3.74 20.00 -25.38
C GLU A 338 5.12 19.92 -26.00
N ASP A 339 5.82 21.05 -26.07
CA ASP A 339 7.16 21.07 -26.68
C ASP A 339 8.14 20.20 -25.89
N PHE A 340 8.08 20.28 -24.56
CA PHE A 340 8.96 19.46 -23.72
C PHE A 340 8.73 17.97 -23.94
N TYR A 341 7.46 17.57 -23.92
CA TYR A 341 7.09 16.18 -24.17
C TYR A 341 7.60 15.68 -25.52
N HIS A 342 7.41 16.49 -26.56
CA HIS A 342 7.88 16.08 -27.87
C HIS A 342 9.39 15.94 -27.91
N ALA A 343 10.08 16.82 -27.18
CA ALA A 343 11.56 16.85 -27.20
C ALA A 343 12.23 15.77 -26.37
N GLU A 344 11.60 15.37 -25.27
CA GLU A 344 12.35 14.70 -24.20
C GLU A 344 12.58 13.23 -24.44
N ILE A 345 13.79 12.78 -24.11
CA ILE A 345 14.13 11.34 -24.09
C ILE A 345 15.00 11.12 -22.86
N SER A 346 14.68 10.10 -22.06
CA SER A 346 15.47 9.77 -20.88
C SER A 346 16.42 8.61 -21.21
N LEU A 347 17.72 8.84 -21.06
CA LEU A 347 18.74 7.85 -21.44
C LEU A 347 19.12 7.01 -20.21
N PRO A 348 19.75 5.83 -20.43
CA PRO A 348 20.13 4.99 -19.29
C PRO A 348 20.99 5.76 -18.28
N CYS A 349 20.55 5.74 -17.04
CA CYS A 349 21.21 6.48 -16.00
C CYS A 349 20.85 5.82 -14.68
N HIS A 350 21.78 5.04 -14.14
CA HIS A 350 21.60 4.37 -12.84
C HIS A 350 22.97 4.02 -12.30
N ALA A 351 23.01 3.58 -11.04
CA ALA A 351 24.29 3.46 -10.33
C ALA A 351 25.12 2.25 -10.74
N ASN A 352 24.56 1.36 -11.55
CA ASN A 352 25.32 0.20 -12.02
C ASN A 352 25.86 0.30 -13.45
N LEU A 353 25.77 1.48 -14.04
CA LEU A 353 26.34 1.72 -15.37
C LEU A 353 27.81 2.08 -15.26
N ASN A 354 28.71 1.30 -15.87
CA ASN A 354 30.11 1.71 -15.85
C ASN A 354 30.39 2.71 -16.97
N LEU A 355 31.54 3.37 -16.89
CA LEU A 355 31.81 4.46 -17.82
C LEU A 355 32.05 3.94 -19.25
N GLU A 356 32.56 2.72 -19.38
CA GLU A 356 32.69 2.14 -20.71
C GLU A 356 31.31 1.98 -21.38
N SER A 357 30.31 1.51 -20.63
CA SER A 357 28.94 1.40 -21.13
C SER A 357 28.37 2.76 -21.51
N VAL A 358 28.59 3.75 -20.64
CA VAL A 358 28.05 5.09 -20.89
C VAL A 358 28.67 5.66 -22.17
N GLN A 359 29.99 5.50 -22.32
CA GLN A 359 30.66 5.98 -23.55
C GLN A 359 30.05 5.34 -24.79
N ASN A 360 29.88 4.01 -24.76
CA ASN A 360 29.29 3.30 -25.87
C ASN A 360 27.85 3.74 -26.17
N ILE A 361 27.04 3.88 -25.12
CA ILE A 361 25.68 4.37 -25.28
C ILE A 361 25.68 5.78 -25.89
N ALA A 362 26.52 6.65 -25.37
CA ALA A 362 26.55 8.03 -25.85
C ALA A 362 26.87 8.12 -27.34
N HIS A 363 27.89 7.39 -27.78
CA HIS A 363 28.23 7.41 -29.21
C HIS A 363 27.13 6.77 -30.07
N SER A 364 26.48 5.75 -29.55
CA SER A 364 25.37 5.09 -30.24
C SER A 364 24.14 6.01 -30.38
N VAL A 365 23.86 6.82 -29.35
CA VAL A 365 22.80 7.83 -29.44
C VAL A 365 23.11 8.87 -30.52
N LEU A 366 24.34 9.39 -30.51
CA LEU A 366 24.72 10.34 -31.57
C LEU A 366 24.60 9.72 -32.96
N LYS A 367 25.07 8.48 -33.11
CA LYS A 367 24.98 7.80 -34.42
C LYS A 367 23.53 7.62 -34.85
N THR A 368 22.65 7.36 -33.88
CA THR A 368 21.23 7.21 -34.16
C THR A 368 20.66 8.49 -34.76
N PHE A 369 20.93 9.63 -34.13
CA PHE A 369 20.40 10.90 -34.64
C PHE A 369 21.02 11.24 -35.98
N GLU A 370 22.31 10.99 -36.13
CA GLU A 370 22.99 11.27 -37.39
C GLU A 370 22.34 10.49 -38.54
N SER A 371 21.89 9.27 -38.24
CA SER A 371 21.39 8.35 -39.27
C SER A 371 20.06 8.81 -39.88
N PHE A 372 19.38 9.71 -39.18
CA PHE A 372 18.07 10.22 -39.64
C PHE A 372 18.16 11.35 -40.66
N LYS A 373 18.77 12.47 -40.29
CA LYS A 373 18.97 13.65 -41.17
C LYS A 373 17.76 14.59 -41.21
N MET B 1 11.69 -16.06 31.27
CA MET B 1 10.48 -15.40 30.69
C MET B 1 9.66 -16.37 29.83
N LYS B 2 10.07 -16.54 28.57
CA LYS B 2 9.35 -17.33 27.56
C LYS B 2 7.98 -16.75 27.22
N GLU B 3 7.93 -15.92 26.19
CA GLU B 3 6.70 -15.23 25.82
C GLU B 3 6.12 -15.76 24.51
N PHE B 4 4.82 -16.01 24.50
CA PHE B 4 4.13 -16.51 23.33
C PHE B 4 3.17 -15.47 22.76
N ALA B 5 3.55 -14.90 21.62
CA ALA B 5 2.65 -14.03 20.86
C ALA B 5 1.46 -14.86 20.42
N TYR B 6 0.31 -14.23 20.22
CA TYR B 6 -0.88 -15.01 19.87
C TYR B 6 -0.81 -15.58 18.48
N SER B 7 -0.07 -14.91 17.61
CA SER B 7 0.27 -15.47 16.29
C SER B 7 1.60 -14.90 15.88
N GLU B 8 2.30 -15.60 15.00
CA GLU B 8 3.54 -15.10 14.41
C GLU B 8 3.76 -15.68 13.03
N PRO B 9 4.65 -15.05 12.23
CA PRO B 9 4.94 -15.61 10.92
C PRO B 9 5.74 -16.89 11.06
N CYS B 10 5.59 -17.78 10.08
CA CYS B 10 6.28 -19.07 10.13
C CYS B 10 6.98 -19.29 8.80
N LEU B 11 8.15 -18.67 8.65
CA LEU B 11 8.96 -18.83 7.42
C LEU B 11 9.95 -19.96 7.59
N ASP B 12 10.23 -20.65 6.49
CA ASP B 12 11.25 -21.73 6.50
C ASP B 12 12.33 -21.42 5.46
N LYS B 13 13.26 -22.36 5.27
CA LYS B 13 14.38 -22.11 4.36
C LYS B 13 13.99 -21.90 2.90
N GLU B 14 12.93 -22.57 2.45
CA GLU B 14 12.46 -22.41 1.08
C GLU B 14 11.92 -20.99 0.88
N ASP B 15 11.22 -20.47 1.89
CA ASP B 15 10.70 -19.11 1.82
C ASP B 15 11.86 -18.11 1.70
N LYS B 16 12.89 -18.31 2.52
CA LYS B 16 14.04 -17.40 2.53
C LYS B 16 14.82 -17.46 1.21
N LYS B 17 15.00 -18.67 0.68
CA LYS B 17 15.58 -18.87 -0.65
C LYS B 17 14.79 -18.13 -1.74
N ALA B 18 13.47 -18.24 -1.68
CA ALA B 18 12.61 -17.60 -2.68
C ALA B 18 12.80 -16.09 -2.69
N VAL B 19 12.85 -15.49 -1.51
CA VAL B 19 13.06 -14.04 -1.39
C VAL B 19 14.44 -13.67 -1.96
N LEU B 20 15.47 -14.43 -1.59
CA LEU B 20 16.82 -14.08 -2.03
C LEU B 20 17.01 -14.16 -3.53
N GLU B 21 16.36 -15.12 -4.20
CA GLU B 21 16.35 -15.19 -5.66
C GLU B 21 15.85 -13.88 -6.26
N VAL B 22 14.79 -13.31 -5.69
CA VAL B 22 14.25 -12.05 -6.21
C VAL B 22 15.28 -10.93 -6.08
N LEU B 23 15.98 -10.88 -4.95
CA LEU B 23 16.94 -9.81 -4.72
C LEU B 23 18.08 -9.86 -5.74
N ASN B 24 18.29 -11.03 -6.34
CA ASN B 24 19.33 -11.17 -7.37
C ASN B 24 18.87 -10.74 -8.76
N SER B 25 17.57 -10.47 -8.90
CA SER B 25 16.93 -10.08 -10.16
C SER B 25 16.88 -8.55 -10.28
N LYS B 26 16.77 -8.07 -11.51
CA LYS B 26 16.56 -6.64 -11.76
C LYS B 26 15.08 -6.26 -11.67
N GLN B 27 14.20 -7.24 -11.47
CA GLN B 27 12.77 -6.96 -11.46
C GLN B 27 12.22 -7.17 -10.06
N LEU B 28 12.15 -6.07 -9.29
CA LEU B 28 11.74 -6.15 -7.89
C LEU B 28 10.26 -5.87 -7.72
N THR B 29 9.63 -5.33 -8.75
CA THR B 29 8.18 -5.11 -8.75
C THR B 29 7.61 -5.21 -10.17
N GLN B 30 6.28 -5.28 -10.27
CA GLN B 30 5.63 -5.33 -11.57
C GLN B 30 6.24 -6.42 -12.45
N GLY B 31 6.38 -7.61 -11.87
CA GLY B 31 7.07 -8.71 -12.52
C GLY B 31 6.26 -9.99 -12.59
N LYS B 32 6.96 -11.08 -12.84
CA LYS B 32 6.33 -12.37 -13.10
C LYS B 32 5.82 -13.03 -11.84
N ARG B 33 6.46 -12.77 -10.71
CA ARG B 33 6.12 -13.51 -9.48
C ARG B 33 4.74 -13.13 -8.93
N SER B 34 4.36 -11.86 -9.05
CA SER B 34 3.00 -11.47 -8.60
C SER B 34 1.95 -12.20 -9.45
N LEU B 35 2.19 -12.29 -10.75
CA LEU B 35 1.29 -13.02 -11.63
C LEU B 35 1.23 -14.52 -11.27
N LEU B 36 2.39 -15.11 -10.98
CA LEU B 36 2.42 -16.51 -10.59
C LEU B 36 1.67 -16.74 -9.29
N PHE B 37 1.80 -15.79 -8.35
CA PHE B 37 1.09 -15.88 -7.07
C PHE B 37 -0.42 -15.81 -7.28
N GLU B 38 -0.86 -14.87 -8.11
CA GLU B 38 -2.27 -14.76 -8.46
C GLU B 38 -2.79 -16.06 -9.11
N GLU B 39 -2.04 -16.61 -10.06
CA GLU B 39 -2.42 -17.87 -10.70
C GLU B 39 -2.48 -19.01 -9.68
N ALA B 40 -1.52 -19.05 -8.76
CA ALA B 40 -1.51 -20.09 -7.75
C ALA B 40 -2.71 -19.97 -6.81
N LEU B 41 -3.11 -18.73 -6.50
CA LEU B 41 -4.30 -18.53 -5.67
C LEU B 41 -5.55 -19.04 -6.40
N CYS B 42 -5.64 -18.78 -7.71
CA CYS B 42 -6.80 -19.26 -8.47
C CYS B 42 -6.84 -20.80 -8.44
N GLU B 43 -5.68 -21.43 -8.57
CA GLU B 43 -5.62 -22.90 -8.58
C GLU B 43 -5.96 -23.46 -7.20
N PHE B 44 -5.48 -22.82 -6.15
CA PHE B 44 -5.76 -23.24 -4.78
C PHE B 44 -7.24 -23.16 -4.44
N LEU B 45 -7.89 -22.07 -4.86
CA LEU B 45 -9.27 -21.79 -4.48
C LEU B 45 -10.31 -22.26 -5.49
N GLY B 46 -9.88 -22.51 -6.72
CA GLY B 46 -10.82 -22.84 -7.80
C GLY B 46 -11.64 -21.64 -8.26
N VAL B 47 -11.02 -20.47 -8.32
CA VAL B 47 -11.68 -19.24 -8.77
C VAL B 47 -11.11 -18.75 -10.09
N LYS B 48 -11.85 -17.86 -10.75
CA LYS B 48 -11.47 -17.36 -12.04
C LYS B 48 -10.32 -16.34 -11.99
N HIS B 49 -10.36 -15.47 -10.98
CA HIS B 49 -9.45 -14.32 -10.92
C HIS B 49 -8.93 -14.05 -9.53
N ALA B 50 -7.67 -13.60 -9.47
CA ALA B 50 -7.05 -13.14 -8.23
C ALA B 50 -6.18 -11.93 -8.50
N LEU B 51 -6.21 -10.98 -7.57
CA LEU B 51 -5.34 -9.81 -7.66
C LEU B 51 -4.71 -9.61 -6.30
N VAL B 52 -3.39 -9.44 -6.26
CA VAL B 52 -2.73 -9.22 -4.98
C VAL B 52 -2.41 -7.74 -4.78
N PHE B 53 -2.41 -7.32 -3.51
CA PHE B 53 -2.35 -5.90 -3.11
C PHE B 53 -1.36 -5.76 -1.97
N ASN B 54 -0.98 -4.50 -1.65
CA ASN B 54 -0.01 -4.29 -0.58
C ASN B 54 -0.55 -4.68 0.81
N SER B 55 -1.87 -4.68 0.95
CA SER B 55 -2.53 -5.05 2.21
C SER B 55 -3.97 -5.47 1.91
N ALA B 56 -4.62 -6.19 2.84
CA ALA B 56 -6.04 -6.47 2.64
C ALA B 56 -6.91 -5.21 2.74
N THR B 57 -6.43 -4.22 3.50
CA THR B 57 -7.19 -2.95 3.61
C THR B 57 -7.24 -2.27 2.23
N SER B 58 -6.13 -2.31 1.49
CA SER B 58 -6.11 -1.80 0.11
C SER B 58 -7.05 -2.60 -0.80
N ALA B 59 -7.01 -3.93 -0.62
CA ALA B 59 -7.92 -4.82 -1.34
C ALA B 59 -9.38 -4.47 -1.05
N LEU B 60 -9.71 -4.24 0.23
CA LEU B 60 -11.09 -3.92 0.60
C LEU B 60 -11.53 -2.60 -0.05
N LEU B 61 -10.68 -1.58 0.01
CA LEU B 61 -11.05 -0.30 -0.59
C LEU B 61 -11.27 -0.50 -2.09
N THR B 62 -10.37 -1.23 -2.73
CA THR B 62 -10.49 -1.45 -4.18
C THR B 62 -11.79 -2.19 -4.53
N LEU B 63 -12.13 -3.20 -3.74
CA LEU B 63 -13.39 -3.92 -3.93
C LEU B 63 -14.59 -2.99 -3.70
N TYR B 64 -14.61 -2.28 -2.58
CA TYR B 64 -15.78 -1.47 -2.25
C TYR B 64 -16.00 -0.35 -3.27
N ARG B 65 -14.91 0.20 -3.81
CA ARG B 65 -15.01 1.30 -4.76
C ARG B 65 -15.47 0.81 -6.13
N ASN B 66 -15.20 -0.45 -6.44
CA ASN B 66 -15.37 -0.93 -7.81
C ASN B 66 -16.49 -1.93 -8.06
N PHE B 67 -17.04 -2.55 -7.01
CA PHE B 67 -18.08 -3.56 -7.25
C PHE B 67 -19.31 -2.95 -7.91
N SER B 68 -19.48 -1.66 -7.68
CA SER B 68 -20.56 -0.86 -8.24
C SER B 68 -20.14 0.58 -8.30
N GLU B 69 -20.69 1.35 -9.24
CA GLU B 69 -20.61 2.80 -9.11
C GLU B 69 -21.40 3.22 -7.88
N PHE B 70 -20.95 4.27 -7.20
CA PHE B 70 -21.64 4.76 -6.02
C PHE B 70 -22.88 5.56 -6.36
N SER B 71 -23.96 5.31 -5.61
CA SER B 71 -25.16 6.13 -5.65
C SER B 71 -25.55 6.52 -4.24
N ALA B 72 -25.82 7.81 -4.03
CA ALA B 72 -26.22 8.31 -2.72
C ALA B 72 -27.55 7.71 -2.25
N ASP B 73 -28.33 7.24 -3.21
CA ASP B 73 -29.62 6.60 -2.92
C ASP B 73 -29.48 5.12 -2.50
N ARG B 74 -28.31 4.53 -2.74
CA ARG B 74 -28.05 3.12 -2.43
C ARG B 74 -26.74 3.06 -1.64
N ASN B 75 -26.77 3.68 -0.47
CA ASN B 75 -25.57 3.99 0.30
C ASN B 75 -25.37 3.14 1.56
N GLU B 76 -26.27 2.20 1.85
CA GLU B 76 -26.11 1.41 3.07
C GLU B 76 -25.57 0.02 2.78
N ILE B 77 -24.61 -0.43 3.61
CA ILE B 77 -24.09 -1.78 3.49
C ILE B 77 -24.18 -2.45 4.84
N ILE B 78 -24.83 -3.61 4.89
CA ILE B 78 -24.96 -4.35 6.14
C ILE B 78 -23.67 -5.09 6.39
N THR B 79 -23.21 -5.05 7.64
CA THR B 79 -21.99 -5.77 7.99
C THR B 79 -21.97 -6.15 9.46
N THR B 80 -20.87 -6.74 9.90
CA THR B 80 -20.74 -7.19 11.29
C THR B 80 -19.94 -6.19 12.13
N PRO B 81 -20.36 -6.00 13.40
CA PRO B 81 -19.57 -5.15 14.28
C PRO B 81 -18.36 -5.88 14.88
N ILE B 82 -18.31 -7.20 14.73
CA ILE B 82 -17.18 -8.00 15.25
C ILE B 82 -16.25 -8.32 14.10
N SER B 83 -15.43 -7.32 13.78
CA SER B 83 -14.37 -7.47 12.79
C SER B 83 -13.30 -6.48 13.11
N PHE B 84 -12.16 -6.59 12.43
CA PHE B 84 -11.18 -5.51 12.54
C PHE B 84 -11.75 -4.24 11.92
N VAL B 85 -11.36 -3.08 12.45
CA VAL B 85 -12.00 -1.83 12.01
C VAL B 85 -11.91 -1.57 10.50
N ALA B 86 -10.87 -2.10 9.87
CA ALA B 86 -10.69 -1.88 8.42
C ALA B 86 -11.91 -2.26 7.60
N THR B 87 -12.63 -3.32 8.01
CA THR B 87 -13.76 -3.79 7.22
C THR B 87 -14.79 -2.67 7.05
N ALA B 88 -14.95 -1.89 8.11
CA ALA B 88 -15.90 -0.76 8.10
C ALA B 88 -15.26 0.56 7.68
N ASN B 89 -14.01 0.82 8.07
CA ASN B 89 -13.36 2.07 7.66
C ASN B 89 -13.37 2.20 6.14
N MET B 90 -13.18 1.09 5.43
CA MET B 90 -13.11 1.19 3.97
C MET B 90 -14.50 1.39 3.35
N LEU B 91 -15.54 1.03 4.09
CA LEU B 91 -16.90 1.41 3.69
C LEU B 91 -17.06 2.92 3.73
N LEU B 92 -16.67 3.51 4.85
CA LEU B 92 -16.77 4.97 5.00
C LEU B 92 -15.99 5.67 3.89
N GLU B 93 -14.79 5.16 3.58
CA GLU B 93 -13.97 5.79 2.55
C GLU B 93 -14.56 5.63 1.15
N SER B 94 -15.49 4.70 1.00
CA SER B 94 -16.12 4.44 -0.29
C SER B 94 -17.50 5.09 -0.37
N GLY B 95 -17.90 5.80 0.69
CA GLY B 95 -19.16 6.56 0.67
C GLY B 95 -20.30 5.86 1.38
N TYR B 96 -20.06 4.65 1.86
CA TYR B 96 -21.14 3.83 2.43
C TYR B 96 -21.32 4.00 3.93
N THR B 97 -22.58 3.88 4.37
CA THR B 97 -22.93 3.82 5.78
C THR B 97 -23.04 2.35 6.19
N PRO B 98 -22.21 1.90 7.16
CA PRO B 98 -22.34 0.53 7.67
C PRO B 98 -23.59 0.39 8.51
N VAL B 99 -24.29 -0.72 8.34
CA VAL B 99 -25.43 -1.05 9.17
C VAL B 99 -25.08 -2.33 9.90
N PHE B 100 -24.89 -2.25 11.22
CA PHE B 100 -24.34 -3.39 11.98
C PHE B 100 -25.41 -4.40 12.39
N ALA B 101 -25.18 -5.67 12.00
CA ALA B 101 -26.08 -6.77 12.33
C ALA B 101 -25.65 -7.45 13.62
N GLY B 102 -26.58 -8.18 14.22
CA GLY B 102 -26.21 -9.06 15.33
C GLY B 102 -25.30 -10.19 14.88
N ILE B 103 -24.64 -10.81 15.85
CA ILE B 103 -23.75 -11.93 15.58
C ILE B 103 -24.20 -13.16 16.39
N LYS B 104 -23.55 -14.29 16.10
CA LYS B 104 -23.84 -15.53 16.80
C LYS B 104 -22.79 -15.87 17.83
N ASN B 105 -23.02 -16.98 18.55
CA ASN B 105 -22.09 -17.40 19.59
C ASN B 105 -20.67 -17.69 19.07
N ASP B 106 -20.56 -17.97 17.77
CA ASP B 106 -19.25 -18.29 17.20
C ASP B 106 -18.54 -17.07 16.64
N GLY B 107 -19.11 -15.89 16.88
CA GLY B 107 -18.52 -14.64 16.41
C GLY B 107 -18.94 -14.20 15.02
N ASN B 108 -19.59 -15.08 14.28
CA ASN B 108 -19.98 -14.76 12.90
C ASN B 108 -21.30 -14.00 12.78
N ILE B 109 -21.45 -13.24 11.71
CA ILE B 109 -22.66 -12.46 11.48
C ILE B 109 -23.87 -13.43 11.51
N ASP B 110 -24.96 -12.98 12.13
CA ASP B 110 -26.15 -13.82 12.26
C ASP B 110 -27.00 -13.76 11.00
N GLU B 111 -26.93 -14.81 10.17
CA GLU B 111 -27.60 -14.80 8.88
C GLU B 111 -29.12 -14.69 9.01
N LEU B 112 -29.63 -15.06 10.20
CA LEU B 112 -31.09 -14.98 10.46
C LEU B 112 -31.55 -13.58 10.89
N ALA B 113 -30.60 -12.68 11.11
CA ALA B 113 -30.91 -11.34 11.59
C ALA B 113 -30.55 -10.24 10.59
N LEU B 114 -30.41 -10.62 9.31
CA LEU B 114 -30.00 -9.68 8.27
C LEU B 114 -31.18 -9.10 7.51
N GLU B 115 -32.18 -9.93 7.22
CA GLU B 115 -33.27 -9.48 6.35
C GLU B 115 -33.99 -8.27 6.93
N LYS B 116 -34.13 -8.22 8.26
CA LYS B 116 -34.84 -7.12 8.88
C LYS B 116 -34.15 -5.76 8.68
N LEU B 117 -32.88 -5.80 8.26
CA LEU B 117 -32.08 -4.58 8.11
C LEU B 117 -32.11 -4.03 6.70
N ILE B 118 -32.69 -4.79 5.77
CA ILE B 118 -32.70 -4.42 4.38
C ILE B 118 -33.80 -3.39 4.11
N ASN B 119 -33.44 -2.36 3.36
CA ASN B 119 -34.40 -1.35 2.95
C ASN B 119 -34.01 -0.84 1.57
N GLU B 120 -34.67 0.21 1.10
CA GLU B 120 -34.45 0.72 -0.26
C GLU B 120 -33.03 1.23 -0.50
N ARG B 121 -32.31 1.54 0.59
CA ARG B 121 -30.94 2.08 0.47
C ARG B 121 -29.86 1.00 0.51
N THR B 122 -30.24 -0.23 0.83
CA THR B 122 -29.24 -1.30 0.99
C THR B 122 -28.61 -1.66 -0.35
N LYS B 123 -27.28 -1.73 -0.38
CA LYS B 123 -26.52 -2.03 -1.58
C LYS B 123 -25.84 -3.41 -1.54
N ALA B 124 -25.40 -3.82 -0.35
CA ALA B 124 -24.63 -5.05 -0.24
C ALA B 124 -24.62 -5.53 1.19
N ILE B 125 -24.14 -6.76 1.36
CA ILE B 125 -23.85 -7.30 2.70
C ILE B 125 -22.37 -7.69 2.71
N VAL B 126 -21.62 -7.26 3.73
CA VAL B 126 -20.22 -7.69 3.88
C VAL B 126 -20.12 -8.56 5.15
N SER B 127 -19.86 -9.85 4.97
CA SER B 127 -19.65 -10.76 6.09
C SER B 127 -18.14 -10.95 6.33
N VAL B 128 -17.82 -11.48 7.50
CA VAL B 128 -16.44 -11.79 7.89
C VAL B 128 -16.38 -13.22 8.42
N ASP B 129 -15.40 -13.99 7.96
CA ASP B 129 -15.24 -15.36 8.45
C ASP B 129 -14.39 -15.26 9.71
N TYR B 130 -15.06 -15.09 10.85
CA TYR B 130 -14.35 -14.82 12.09
C TYR B 130 -13.50 -16.02 12.52
N ALA B 131 -12.22 -15.73 12.77
CA ALA B 131 -11.23 -16.73 13.19
C ALA B 131 -10.88 -17.74 12.12
N GLY B 132 -11.43 -17.53 10.92
CA GLY B 132 -11.33 -18.51 9.84
C GLY B 132 -12.57 -19.35 9.62
N LYS B 133 -13.55 -19.25 10.51
CA LYS B 133 -14.76 -20.07 10.35
C LYS B 133 -15.68 -19.44 9.30
N SER B 134 -16.00 -20.21 8.27
CA SER B 134 -16.91 -19.69 7.24
C SER B 134 -18.25 -19.30 7.84
N VAL B 135 -18.78 -18.16 7.38
CA VAL B 135 -20.17 -17.82 7.69
C VAL B 135 -21.11 -18.78 6.96
N GLU B 136 -22.41 -18.63 7.21
CA GLU B 136 -23.42 -19.47 6.58
C GLU B 136 -23.67 -19.00 5.17
N VAL B 137 -22.79 -19.44 4.28
CA VAL B 137 -22.70 -18.91 2.94
C VAL B 137 -24.00 -19.05 2.11
N GLU B 138 -24.63 -20.23 2.17
CA GLU B 138 -25.80 -20.44 1.32
C GLU B 138 -26.94 -19.49 1.70
N SER B 139 -27.13 -19.34 3.00
CA SER B 139 -28.15 -18.42 3.50
C SER B 139 -27.93 -16.98 3.00
N VAL B 140 -26.68 -16.50 3.10
CA VAL B 140 -26.37 -15.12 2.71
C VAL B 140 -26.47 -14.93 1.19
N GLN B 141 -25.98 -15.91 0.43
CA GLN B 141 -26.10 -15.89 -1.04
C GLN B 141 -27.56 -15.72 -1.47
N LYS B 142 -28.41 -16.54 -0.88
CA LYS B 142 -29.83 -16.54 -1.26
C LYS B 142 -30.49 -15.24 -0.88
N LEU B 143 -30.15 -14.73 0.31
CA LEU B 143 -30.70 -13.45 0.72
C LEU B 143 -30.30 -12.28 -0.19
N CYS B 144 -29.02 -12.25 -0.57
CA CYS B 144 -28.52 -11.19 -1.42
C CYS B 144 -29.16 -11.28 -2.82
N LYS B 145 -29.30 -12.48 -3.34
CA LYS B 145 -29.95 -12.66 -4.65
C LYS B 145 -31.39 -12.18 -4.55
N LYS B 146 -32.07 -12.56 -3.47
CA LYS B 146 -33.49 -12.19 -3.30
C LYS B 146 -33.67 -10.67 -3.34
N HIS B 147 -32.75 -9.94 -2.68
CA HIS B 147 -32.88 -8.48 -2.51
C HIS B 147 -32.00 -7.65 -3.45
N SER B 148 -31.44 -8.31 -4.46
CA SER B 148 -30.61 -7.64 -5.46
C SER B 148 -29.45 -6.89 -4.82
N LEU B 149 -28.82 -7.53 -3.83
CA LEU B 149 -27.65 -6.97 -3.17
C LEU B 149 -26.42 -7.75 -3.57
N SER B 150 -25.25 -7.11 -3.50
CA SER B 150 -23.99 -7.81 -3.70
C SER B 150 -23.55 -8.44 -2.38
N PHE B 151 -23.12 -9.70 -2.47
CA PHE B 151 -22.50 -10.41 -1.34
C PHE B 151 -20.99 -10.22 -1.43
N LEU B 152 -20.42 -9.51 -0.46
CA LEU B 152 -18.97 -9.31 -0.40
C LEU B 152 -18.45 -10.00 0.85
N SER B 153 -17.29 -10.65 0.75
CA SER B 153 -16.79 -11.45 1.86
C SER B 153 -15.41 -10.98 2.31
N ASP B 154 -15.30 -10.48 3.54
CA ASP B 154 -13.99 -10.24 4.14
C ASP B 154 -13.49 -11.54 4.76
N SER B 155 -12.80 -12.31 3.94
CA SER B 155 -12.27 -13.61 4.30
C SER B 155 -10.81 -13.48 4.73
N SER B 156 -10.46 -12.34 5.32
CA SER B 156 -9.06 -12.06 5.65
C SER B 156 -8.43 -13.15 6.52
N HIS B 157 -9.22 -13.76 7.42
CA HIS B 157 -8.73 -14.80 8.32
C HIS B 157 -8.72 -16.19 7.71
N ALA B 158 -9.30 -16.34 6.52
CA ALA B 158 -9.85 -17.64 6.14
C ALA B 158 -9.24 -18.35 4.95
N LEU B 159 -8.01 -17.99 4.55
CA LEU B 159 -7.39 -18.74 3.46
C LEU B 159 -7.23 -20.21 3.86
N GLY B 160 -7.84 -21.09 3.07
CA GLY B 160 -7.80 -22.52 3.36
C GLY B 160 -9.04 -23.04 4.06
N SER B 161 -9.84 -22.14 4.63
CA SER B 161 -11.11 -22.54 5.25
C SER B 161 -12.09 -23.05 4.20
N GLU B 162 -13.02 -23.89 4.66
CA GLU B 162 -14.02 -24.53 3.78
C GLU B 162 -15.45 -24.32 4.26
N TYR B 163 -16.38 -24.46 3.31
CA TYR B 163 -17.79 -24.51 3.61
C TYR B 163 -18.32 -25.64 2.73
N GLN B 164 -18.94 -26.63 3.37
CA GLN B 164 -19.44 -27.80 2.63
C GLN B 164 -18.36 -28.38 1.70
N ASN B 165 -17.17 -28.56 2.26
CA ASN B 165 -16.04 -29.18 1.55
C ASN B 165 -15.52 -28.40 0.35
N LYS B 166 -15.84 -27.11 0.31
CA LYS B 166 -15.36 -26.22 -0.75
C LYS B 166 -14.63 -25.03 -0.16
N LYS B 167 -13.51 -24.66 -0.77
CA LYS B 167 -12.73 -23.57 -0.21
C LYS B 167 -13.45 -22.23 -0.25
N VAL B 168 -13.39 -21.54 0.87
CA VAL B 168 -13.82 -20.13 0.93
C VAL B 168 -13.04 -19.33 -0.11
N GLY B 169 -13.75 -18.42 -0.80
CA GLY B 169 -13.12 -17.60 -1.84
C GLY B 169 -14.00 -17.41 -3.05
N GLY B 170 -14.81 -18.43 -3.36
CA GLY B 170 -15.60 -18.38 -4.58
C GLY B 170 -17.08 -18.18 -4.36
N PHE B 171 -17.50 -17.99 -3.11
CA PHE B 171 -18.93 -17.96 -2.77
C PHE B 171 -19.60 -16.61 -2.97
N ALA B 172 -18.83 -15.55 -2.83
CA ALA B 172 -19.36 -14.20 -2.86
C ALA B 172 -19.05 -13.57 -4.21
N LEU B 173 -19.62 -12.38 -4.47
CA LEU B 173 -19.24 -11.65 -5.67
C LEU B 173 -17.71 -11.53 -5.72
N ALA B 174 -17.13 -11.20 -4.58
CA ALA B 174 -15.67 -11.22 -4.44
C ALA B 174 -15.34 -11.41 -2.98
N SER B 175 -14.14 -11.93 -2.73
CA SER B 175 -13.68 -12.19 -1.37
C SER B 175 -12.27 -11.63 -1.17
N VAL B 176 -11.98 -11.17 0.04
CA VAL B 176 -10.69 -10.59 0.35
C VAL B 176 -9.93 -11.52 1.29
N PHE B 177 -8.63 -11.69 1.07
CA PHE B 177 -7.74 -12.37 2.01
C PHE B 177 -6.62 -11.44 2.45
N SER B 178 -6.08 -11.68 3.64
CA SER B 178 -4.92 -10.93 4.09
C SER B 178 -3.72 -11.85 4.22
N PHE B 179 -2.54 -11.31 3.91
CA PHE B 179 -1.26 -12.01 4.06
C PHE B 179 -0.37 -11.21 5.01
N HIS B 180 -1.00 -10.47 5.92
CA HIS B 180 -0.26 -9.83 7.00
C HIS B 180 0.59 -10.86 7.73
N ALA B 181 1.69 -10.40 8.34
CA ALA B 181 2.64 -11.23 9.07
C ALA B 181 2.04 -12.35 9.90
N ILE B 182 0.89 -12.11 10.53
CA ILE B 182 0.35 -13.09 11.48
C ILE B 182 -0.77 -13.93 10.90
N LYS B 183 -1.00 -13.79 9.60
CA LYS B 183 -2.14 -14.48 8.96
C LYS B 183 -1.80 -15.90 8.50
N PRO B 184 -2.81 -16.65 8.04
CA PRO B 184 -2.56 -18.06 7.70
C PRO B 184 -1.34 -18.32 6.81
N ILE B 185 -1.13 -17.47 5.82
CA ILE B 185 0.19 -17.39 5.14
C ILE B 185 0.52 -15.92 5.09
N THR B 186 1.79 -15.61 4.84
CA THR B 186 2.21 -14.21 4.87
C THR B 186 3.08 -13.77 3.71
N THR B 187 2.97 -12.47 3.39
CA THR B 187 3.90 -11.77 2.51
C THR B 187 4.45 -10.54 3.26
N ALA B 188 4.46 -10.61 4.60
CA ALA B 188 4.79 -9.53 5.56
C ALA B 188 3.66 -8.51 5.70
N GLU B 189 3.34 -7.83 4.60
CA GLU B 189 2.04 -7.15 4.44
C GLU B 189 1.54 -7.61 3.08
N GLY B 190 0.25 -7.81 2.98
CA GLY B 190 -0.33 -8.12 1.67
C GLY B 190 -1.78 -8.46 1.76
N GLY B 191 -2.45 -8.48 0.61
CA GLY B 191 -3.82 -8.98 0.57
C GLY B 191 -4.19 -9.39 -0.83
N ALA B 192 -5.42 -9.86 -0.99
CA ALA B 192 -5.87 -10.27 -2.33
C ALA B 192 -7.36 -10.02 -2.42
N VAL B 193 -7.84 -9.72 -3.63
CA VAL B 193 -9.26 -9.84 -3.94
C VAL B 193 -9.35 -10.94 -4.97
N VAL B 194 -10.23 -11.91 -4.70
CA VAL B 194 -10.52 -12.96 -5.70
C VAL B 194 -11.98 -12.84 -6.11
N THR B 195 -12.26 -13.22 -7.36
CA THR B 195 -13.62 -13.07 -7.89
C THR B 195 -13.80 -13.98 -9.09
N ASN B 196 -15.05 -14.34 -9.39
CA ASN B 196 -15.39 -15.01 -10.66
C ASN B 196 -16.01 -14.04 -11.68
N ASP B 197 -16.01 -12.75 -11.35
CA ASP B 197 -16.54 -11.70 -12.24
C ASP B 197 -15.39 -11.02 -12.96
N SER B 198 -15.26 -11.30 -14.26
CA SER B 198 -14.14 -10.77 -15.04
C SER B 198 -14.15 -9.25 -15.18
N GLU B 199 -15.33 -8.64 -15.37
CA GLU B 199 -15.40 -7.19 -15.49
C GLU B 199 -14.92 -6.52 -14.20
N LEU B 200 -15.30 -7.10 -13.06
CA LEU B 200 -14.89 -6.54 -11.77
C LEU B 200 -13.37 -6.68 -11.59
N HIS B 201 -12.86 -7.87 -11.88
CA HIS B 201 -11.40 -8.08 -11.87
C HIS B 201 -10.65 -7.03 -12.68
N GLU B 202 -11.06 -6.79 -13.92
CA GLU B 202 -10.34 -5.83 -14.75
C GLU B 202 -10.44 -4.40 -14.18
N LYS B 203 -11.59 -4.04 -13.59
CA LYS B 203 -11.74 -2.70 -12.99
C LYS B 203 -10.81 -2.53 -11.79
N MET B 204 -10.77 -3.56 -10.94
CA MET B 204 -9.89 -3.53 -9.76
C MET B 204 -8.41 -3.50 -10.14
N LYS B 205 -8.07 -4.21 -11.20
CA LYS B 205 -6.69 -4.27 -11.67
C LYS B 205 -6.17 -2.89 -12.06
N LEU B 206 -6.98 -2.12 -12.79
CA LEU B 206 -6.59 -0.76 -13.13
C LEU B 206 -6.51 0.13 -11.88
N PHE B 207 -7.47 -0.05 -10.98
CA PHE B 207 -7.54 0.80 -9.76
C PHE B 207 -6.31 0.60 -8.90
N ARG B 208 -5.76 -0.62 -8.93
CA ARG B 208 -4.56 -0.97 -8.16
C ARG B 208 -3.29 -0.24 -8.63
N SER B 209 -3.29 0.17 -9.90
CA SER B 209 -2.09 0.73 -10.53
C SER B 209 -2.42 1.88 -11.47
N HIS B 210 -2.81 3.00 -10.87
CA HIS B 210 -2.87 4.29 -11.55
C HIS B 210 -3.93 4.50 -12.63
N GLY B 211 -4.76 3.48 -12.88
CA GLY B 211 -5.71 3.58 -14.00
C GLY B 211 -5.03 3.41 -15.33
N MET B 212 -3.75 3.03 -15.31
CA MET B 212 -2.91 3.05 -16.52
C MET B 212 -3.14 1.87 -17.46
N LEU B 213 -3.48 2.21 -18.71
CA LEU B 213 -3.54 1.27 -19.83
C LEU B 213 -2.34 1.56 -20.71
N LYS B 214 -1.52 0.58 -21.03
CA LYS B 214 -0.37 0.89 -21.88
C LYS B 214 -0.69 0.62 -23.35
N LYS B 215 -0.47 1.63 -24.18
CA LYS B 215 -0.54 1.49 -25.63
C LYS B 215 0.72 0.80 -26.17
N ASP B 216 1.89 1.28 -25.74
CA ASP B 216 3.17 0.65 -26.07
C ASP B 216 4.14 0.88 -24.92
N PHE B 217 5.44 0.63 -25.14
CA PHE B 217 6.44 0.86 -24.10
C PHE B 217 6.41 2.31 -23.66
N PHE B 218 6.12 3.19 -24.61
CA PHE B 218 6.32 4.62 -24.42
C PHE B 218 5.11 5.41 -23.95
N GLU B 219 3.91 4.93 -24.25
CA GLU B 219 2.73 5.76 -24.02
C GLU B 219 1.59 4.97 -23.40
N GLY B 220 0.91 5.58 -22.44
CA GLY B 220 -0.27 4.97 -21.86
C GLY B 220 -1.50 5.85 -21.99
N GLU B 221 -2.60 5.33 -21.44
CA GLU B 221 -3.86 6.05 -21.43
C GLU B 221 -4.47 5.84 -20.04
N VAL B 222 -5.12 6.88 -19.56
CA VAL B 222 -5.79 6.84 -18.25
C VAL B 222 -7.23 7.32 -18.45
N LYS B 223 -8.19 6.43 -18.20
CA LYS B 223 -9.62 6.74 -18.36
C LYS B 223 -10.36 6.86 -17.03
N SER B 224 -9.67 6.48 -15.95
CA SER B 224 -10.22 6.43 -14.61
C SER B 224 -9.03 6.40 -13.65
N ILE B 225 -9.23 6.86 -12.40
CA ILE B 225 -8.08 6.95 -11.49
C ILE B 225 -7.69 5.57 -10.96
N GLY B 226 -6.47 5.52 -10.44
CA GLY B 226 -6.06 4.39 -9.63
C GLY B 226 -4.97 4.87 -8.70
N HIS B 227 -4.48 3.92 -7.92
CA HIS B 227 -3.51 4.17 -6.84
C HIS B 227 -2.27 3.34 -7.11
N ASN B 228 -1.40 3.17 -6.11
CA ASN B 228 -0.34 2.17 -6.23
C ASN B 228 -0.44 1.31 -4.98
N PHE B 229 -1.26 0.26 -5.11
CA PHE B 229 -1.46 -0.74 -4.07
C PHE B 229 -0.81 -2.07 -4.49
N ARG B 230 0.22 -2.00 -5.31
CA ARG B 230 0.82 -3.23 -5.85
C ARG B 230 1.55 -4.00 -4.78
N LEU B 231 1.56 -5.33 -4.94
CA LEU B 231 2.44 -6.20 -4.16
C LEU B 231 3.71 -6.41 -4.98
N ASN B 232 4.87 -6.19 -4.37
CA ASN B 232 6.11 -6.30 -5.15
C ASN B 232 6.57 -7.75 -5.31
N GLU B 233 7.69 -7.95 -6.03
CA GLU B 233 8.13 -9.31 -6.36
C GLU B 233 8.72 -10.03 -5.16
N ILE B 234 9.32 -9.29 -4.23
CA ILE B 234 9.91 -9.90 -3.04
C ILE B 234 8.78 -10.56 -2.25
N GLN B 235 7.70 -9.82 -2.03
CA GLN B 235 6.59 -10.32 -1.23
C GLN B 235 5.82 -11.38 -1.99
N SER B 236 5.72 -11.26 -3.31
CA SER B 236 5.03 -12.26 -4.12
C SER B 236 5.75 -13.60 -4.10
N ALA B 237 7.08 -13.56 -4.09
CA ALA B 237 7.86 -14.80 -3.97
C ALA B 237 7.62 -15.46 -2.63
N LEU B 238 7.59 -14.64 -1.56
CA LEU B 238 7.25 -15.14 -0.26
C LEU B 238 5.85 -15.76 -0.24
N GLY B 239 4.89 -15.06 -0.84
CA GLY B 239 3.51 -15.59 -0.89
C GLY B 239 3.37 -16.92 -1.60
N LEU B 240 4.01 -17.03 -2.76
CA LEU B 240 3.99 -18.27 -3.56
C LEU B 240 4.56 -19.41 -2.74
N SER B 241 5.69 -19.16 -2.07
CA SER B 241 6.38 -20.20 -1.32
C SER B 241 5.57 -20.64 -0.11
N GLN B 242 4.97 -19.67 0.58
CA GLN B 242 4.08 -19.97 1.70
C GLN B 242 2.81 -20.73 1.24
N LEU B 243 2.24 -20.30 0.12
CA LEU B 243 1.00 -20.92 -0.38
C LEU B 243 1.22 -22.40 -0.69
N LYS B 244 2.40 -22.74 -1.18
CA LYS B 244 2.71 -24.15 -1.52
C LYS B 244 2.60 -25.06 -0.30
N LYS B 245 2.78 -24.50 0.90
CA LYS B 245 2.63 -25.30 2.13
C LYS B 245 1.46 -24.85 2.99
N ALA B 246 0.51 -24.12 2.40
CA ALA B 246 -0.62 -23.63 3.21
C ALA B 246 -1.38 -24.76 3.92
N PRO B 247 -1.65 -25.89 3.24
CA PRO B 247 -2.34 -26.97 3.96
C PRO B 247 -1.54 -27.54 5.15
N PHE B 248 -0.22 -27.66 4.97
CA PHE B 248 0.66 -28.11 6.05
C PHE B 248 0.59 -27.15 7.25
N LEU B 249 0.69 -25.86 6.98
CA LEU B 249 0.66 -24.88 8.05
C LEU B 249 -0.70 -24.91 8.75
N MET B 250 -1.78 -25.03 7.95
CA MET B 250 -3.13 -25.06 8.48
C MET B 250 -3.30 -26.28 9.39
N GLN B 251 -2.74 -27.41 8.97
CA GLN B 251 -2.86 -28.64 9.77
C GLN B 251 -2.04 -28.55 11.07
N LYS B 252 -0.90 -27.86 11.03
CA LYS B 252 -0.19 -27.61 12.29
C LYS B 252 -1.05 -26.82 13.27
N ARG B 253 -1.74 -25.79 12.79
CA ARG B 253 -2.63 -25.02 13.64
C ARG B 253 -3.80 -25.88 14.12
N GLU B 254 -4.30 -26.75 13.24
CA GLU B 254 -5.38 -27.67 13.64
C GLU B 254 -4.93 -28.59 14.77
N GLU B 255 -3.70 -29.08 14.69
CA GLU B 255 -3.17 -29.97 15.72
C GLU B 255 -3.04 -29.22 17.05
N ALA B 256 -2.59 -27.98 17.00
CA ALA B 256 -2.50 -27.15 18.21
C ALA B 256 -3.89 -26.94 18.79
N ALA B 257 -4.86 -26.62 17.93
CA ALA B 257 -6.23 -26.41 18.39
C ALA B 257 -6.79 -27.66 19.06
N LEU B 258 -6.51 -28.82 18.47
CA LEU B 258 -7.01 -30.07 19.04
C LEU B 258 -6.40 -30.36 20.41
N THR B 259 -5.13 -29.98 20.58
CA THR B 259 -4.48 -30.13 21.88
C THR B 259 -5.13 -29.24 22.94
N TYR B 260 -5.35 -27.98 22.61
CA TYR B 260 -6.13 -27.15 23.52
C TYR B 260 -7.49 -27.79 23.84
N ASP B 261 -8.19 -28.27 22.81
CA ASP B 261 -9.52 -28.88 23.00
C ASP B 261 -9.43 -30.01 24.03
N ARG B 262 -8.40 -30.86 23.90
CA ARG B 262 -8.30 -32.01 24.82
C ARG B 262 -8.13 -31.51 26.25
N ILE B 263 -7.25 -30.54 26.45
CA ILE B 263 -6.95 -30.09 27.80
C ILE B 263 -8.09 -29.27 28.40
N PHE B 264 -8.80 -28.53 27.55
CA PHE B 264 -9.91 -27.69 27.98
C PHE B 264 -11.25 -28.40 28.07
N LYS B 265 -11.34 -29.66 27.62
CA LYS B 265 -12.62 -30.37 27.60
C LYS B 265 -13.25 -30.36 28.99
N ASP B 266 -14.51 -29.93 29.06
CA ASP B 266 -15.32 -29.87 30.31
C ASP B 266 -14.76 -28.94 31.39
N ASN B 267 -13.88 -28.02 31.00
CA ASN B 267 -13.39 -27.05 31.99
C ASN B 267 -14.57 -26.15 32.44
N PRO B 268 -14.53 -25.70 33.71
CA PRO B 268 -15.59 -24.89 34.29
C PRO B 268 -15.58 -23.38 33.98
N TYR B 269 -14.58 -22.90 33.22
CA TYR B 269 -14.33 -21.46 33.12
C TYR B 269 -14.72 -20.80 31.80
N PHE B 270 -14.59 -21.54 30.70
CA PHE B 270 -14.81 -20.95 29.38
C PHE B 270 -15.14 -22.03 28.36
N THR B 271 -15.67 -21.60 27.22
CA THR B 271 -16.05 -22.50 26.13
C THR B 271 -15.16 -22.23 24.90
N PRO B 272 -14.31 -23.20 24.50
CA PRO B 272 -13.59 -23.01 23.25
C PRO B 272 -14.56 -23.14 22.08
N LEU B 273 -14.31 -22.37 21.02
CA LEU B 273 -15.16 -22.45 19.83
C LEU B 273 -14.73 -23.59 18.91
N HIS B 274 -13.47 -24.01 18.98
CA HIS B 274 -12.94 -24.97 17.99
C HIS B 274 -13.70 -26.31 17.89
N PRO B 275 -14.12 -26.90 19.03
CA PRO B 275 -14.87 -28.17 18.91
C PRO B 275 -16.20 -28.08 18.16
N LEU B 276 -16.69 -26.87 17.91
CA LEU B 276 -17.99 -26.70 17.27
C LEU B 276 -17.92 -26.61 15.74
N LEU B 277 -16.70 -26.64 15.19
CA LEU B 277 -16.53 -26.53 13.73
C LEU B 277 -17.20 -27.68 13.01
N LYS B 278 -17.81 -27.38 11.85
CA LYS B 278 -18.41 -28.40 10.99
C LYS B 278 -17.68 -28.53 9.66
N ASP B 279 -16.75 -27.61 9.40
CA ASP B 279 -15.91 -27.69 8.21
C ASP B 279 -14.49 -27.35 8.62
N LYS B 280 -13.54 -27.67 7.75
CA LYS B 280 -12.15 -27.28 7.97
C LYS B 280 -12.02 -25.77 8.07
N SER B 281 -11.25 -25.31 9.05
CA SER B 281 -10.99 -23.87 9.23
C SER B 281 -9.49 -23.62 9.14
N SER B 282 -9.16 -22.40 8.71
CA SER B 282 -7.76 -21.97 8.67
C SER B 282 -7.15 -21.96 10.07
N ASN B 283 -7.99 -21.86 11.09
CA ASN B 283 -7.53 -21.75 12.49
C ASN B 283 -6.62 -20.54 12.67
N HIS B 284 -6.99 -19.41 12.05
CA HIS B 284 -6.22 -18.19 12.28
C HIS B 284 -6.17 -17.83 13.75
N LEU B 285 -7.33 -17.93 14.41
CA LEU B 285 -7.42 -17.69 15.87
C LEU B 285 -7.89 -18.95 16.59
N TYR B 286 -7.58 -19.02 17.87
CA TYR B 286 -8.19 -20.03 18.75
C TYR B 286 -8.94 -19.25 19.83
N PRO B 287 -10.22 -18.93 19.60
CA PRO B 287 -11.02 -18.17 20.57
C PRO B 287 -11.58 -19.03 21.69
N ILE B 288 -11.55 -18.48 22.90
CA ILE B 288 -12.32 -19.06 23.99
C ILE B 288 -13.30 -17.98 24.49
N LEU B 289 -14.46 -18.42 24.99
CA LEU B 289 -15.46 -17.49 25.52
C LEU B 289 -15.65 -17.71 27.01
N MET B 290 -15.27 -16.73 27.82
CA MET B 290 -15.37 -16.84 29.29
C MET B 290 -16.79 -16.90 29.78
N HIS B 291 -17.00 -17.60 30.89
CA HIS B 291 -18.28 -17.50 31.61
C HIS B 291 -18.51 -16.05 32.01
N GLN B 292 -19.78 -15.64 32.00
CA GLN B 292 -20.17 -14.27 32.34
C GLN B 292 -19.66 -13.80 33.71
N LYS B 293 -19.42 -14.73 34.63
CA LYS B 293 -18.94 -14.36 35.97
C LYS B 293 -17.58 -13.65 35.94
N PHE B 294 -16.81 -13.86 34.86
CA PHE B 294 -15.48 -13.27 34.71
C PHE B 294 -15.44 -11.93 33.94
N PHE B 295 -16.59 -11.51 33.40
CA PHE B 295 -16.61 -10.29 32.58
C PHE B 295 -16.02 -9.09 33.32
N THR B 296 -16.39 -8.91 34.58
CA THR B 296 -15.96 -7.74 35.35
C THR B 296 -14.47 -7.77 35.70
N CYS B 297 -13.86 -8.94 35.71
CA CYS B 297 -12.42 -9.00 35.98
C CYS B 297 -11.56 -9.37 34.76
N LYS B 298 -12.10 -9.12 33.56
CA LYS B 298 -11.38 -9.45 32.33
C LYS B 298 -9.99 -8.83 32.18
N LYS B 299 -9.86 -7.54 32.47
CA LYS B 299 -8.56 -6.89 32.34
C LYS B 299 -7.52 -7.57 33.25
N LEU B 300 -7.90 -7.91 34.48
CA LEU B 300 -6.99 -8.60 35.40
C LEU B 300 -6.61 -9.99 34.89
N ILE B 301 -7.59 -10.69 34.30
CA ILE B 301 -7.34 -12.01 33.70
C ILE B 301 -6.33 -11.91 32.56
N LEU B 302 -6.56 -10.96 31.67
CA LEU B 302 -5.63 -10.72 30.56
C LEU B 302 -4.23 -10.35 31.04
N GLU B 303 -4.16 -9.46 32.03
CA GLU B 303 -2.88 -9.08 32.63
C GLU B 303 -2.18 -10.29 33.28
N SER B 304 -2.96 -11.16 33.91
CA SER B 304 -2.41 -12.37 34.52
C SER B 304 -1.85 -13.32 33.44
N LEU B 305 -2.59 -13.49 32.34
CA LEU B 305 -2.11 -14.30 31.23
C LEU B 305 -0.78 -13.74 30.72
N HIS B 306 -0.74 -12.42 30.51
CA HIS B 306 0.48 -11.81 30.01
C HIS B 306 1.65 -11.96 30.98
N LYS B 307 1.39 -11.86 32.28
CA LYS B 307 2.46 -12.06 33.28
C LYS B 307 3.04 -13.46 33.22
N ARG B 308 2.23 -14.42 32.78
CA ARG B 308 2.65 -15.81 32.57
C ARG B 308 3.25 -16.06 31.20
N GLY B 309 3.41 -15.00 30.41
CA GLY B 309 4.03 -15.10 29.09
C GLY B 309 3.06 -15.50 27.99
N ILE B 310 1.77 -15.52 28.32
CA ILE B 310 0.73 -15.87 27.32
C ILE B 310 0.10 -14.58 26.80
N LEU B 311 0.58 -14.12 25.64
CA LEU B 311 0.25 -12.77 25.16
C LEU B 311 -1.06 -12.76 24.40
N ALA B 312 -2.11 -13.12 25.12
CA ALA B 312 -3.42 -13.29 24.51
C ALA B 312 -3.98 -11.94 24.10
N GLN B 313 -4.93 -11.97 23.16
CA GLN B 313 -5.49 -10.75 22.61
C GLN B 313 -7.00 -10.91 22.54
N VAL B 314 -7.74 -9.81 22.36
CA VAL B 314 -9.17 -9.86 22.22
C VAL B 314 -9.56 -9.42 20.81
N HIS B 315 -10.40 -10.22 20.14
CA HIS B 315 -10.94 -9.89 18.81
C HIS B 315 -12.48 -9.99 18.89
N TYR B 316 -13.24 -8.90 18.84
CA TYR B 316 -12.82 -7.51 18.61
C TYR B 316 -13.75 -6.59 19.39
N LYS B 317 -13.28 -5.40 19.70
CA LYS B 317 -14.17 -4.31 20.16
C LYS B 317 -15.25 -4.08 19.10
N PRO B 318 -16.53 -4.06 19.49
CA PRO B 318 -17.57 -3.76 18.50
C PRO B 318 -17.25 -2.45 17.80
N ILE B 319 -17.28 -2.45 16.46
CA ILE B 319 -16.80 -1.31 15.70
C ILE B 319 -17.56 -0.02 16.00
N TYR B 320 -18.86 -0.15 16.27
CA TYR B 320 -19.68 1.05 16.54
C TYR B 320 -19.31 1.74 17.86
N GLN B 321 -18.48 1.09 18.68
CA GLN B 321 -17.99 1.70 19.94
C GLN B 321 -16.89 2.74 19.71
N TYR B 322 -16.22 2.68 18.56
CA TYR B 322 -15.13 3.63 18.30
C TYR B 322 -15.67 5.05 18.18
N GLN B 323 -14.86 6.01 18.64
CA GLN B 323 -15.23 7.44 18.62
C GLN B 323 -15.75 7.92 17.27
N LEU B 324 -15.07 7.52 16.19
CA LEU B 324 -15.51 7.92 14.86
C LEU B 324 -16.94 7.50 14.62
N TYR B 325 -17.27 6.26 14.98
CA TYR B 325 -18.58 5.70 14.68
C TYR B 325 -19.65 6.29 15.61
N GLN B 326 -19.25 6.55 16.86
CA GLN B 326 -20.13 7.23 17.81
C GLN B 326 -20.49 8.64 17.36
N GLN B 327 -19.52 9.35 16.77
CA GLN B 327 -19.80 10.71 16.29
C GLN B 327 -20.64 10.71 14.99
N LEU B 328 -20.39 9.76 14.10
CA LEU B 328 -21.12 9.73 12.84
C LEU B 328 -22.53 9.16 12.94
N PHE B 329 -22.73 8.20 13.84
CA PHE B 329 -23.96 7.41 13.86
C PHE B 329 -24.54 7.30 15.26
N ASN B 330 -25.81 6.96 15.38
CA ASN B 330 -26.41 6.70 16.69
C ASN B 330 -26.72 5.21 16.78
N THR B 331 -25.71 4.43 17.13
CA THR B 331 -25.84 2.98 17.11
C THR B 331 -26.16 2.47 18.50
N ALA B 332 -27.36 1.91 18.65
CA ALA B 332 -27.68 1.21 19.89
C ALA B 332 -26.73 0.00 20.00
N PRO B 333 -26.13 -0.21 21.19
CA PRO B 333 -25.31 -1.41 21.32
C PRO B 333 -26.10 -2.68 21.04
N LEU B 334 -25.42 -3.68 20.46
CA LEU B 334 -26.03 -4.96 20.17
C LEU B 334 -25.59 -5.97 21.22
N LYS B 335 -26.56 -6.54 21.95
CA LYS B 335 -26.23 -7.45 23.05
C LYS B 335 -25.31 -8.59 22.59
N SER B 336 -25.59 -9.14 21.41
CA SER B 336 -24.78 -10.26 20.91
C SER B 336 -23.32 -9.87 20.73
N ALA B 337 -23.09 -8.65 20.26
CA ALA B 337 -21.71 -8.19 20.03
C ALA B 337 -21.01 -7.84 21.34
N GLU B 338 -21.73 -7.14 22.23
CA GLU B 338 -21.18 -6.76 23.54
C GLU B 338 -20.80 -8.00 24.36
N ASP B 339 -21.71 -8.96 24.42
CA ASP B 339 -21.46 -10.20 25.19
C ASP B 339 -20.28 -10.95 24.59
N PHE B 340 -20.22 -11.05 23.25
CA PHE B 340 -19.10 -11.76 22.63
C PHE B 340 -17.76 -11.08 22.94
N TYR B 341 -17.72 -9.77 22.76
CA TYR B 341 -16.49 -9.02 23.07
C TYR B 341 -16.07 -9.20 24.52
N HIS B 342 -17.02 -9.13 25.44
CA HIS B 342 -16.67 -9.27 26.85
C HIS B 342 -16.13 -10.67 27.14
N ALA B 343 -16.68 -11.66 26.45
CA ALA B 343 -16.33 -13.06 26.71
C ALA B 343 -15.02 -13.51 26.04
N GLU B 344 -14.67 -12.92 24.92
CA GLU B 344 -13.66 -13.56 24.06
C GLU B 344 -12.21 -13.27 24.41
N ILE B 345 -11.40 -14.33 24.33
CA ILE B 345 -9.93 -14.24 24.43
C ILE B 345 -9.35 -15.12 23.36
N SER B 346 -8.39 -14.59 22.60
CA SER B 346 -7.68 -15.37 21.58
C SER B 346 -6.37 -15.86 22.13
N LEU B 347 -6.20 -17.18 22.13
CA LEU B 347 -4.97 -17.80 22.67
C LEU B 347 -3.93 -18.05 21.61
N PRO B 348 -2.64 -18.14 22.01
CA PRO B 348 -1.62 -18.40 21.00
C PRO B 348 -1.93 -19.60 20.09
N CYS B 349 -1.86 -19.37 18.79
CA CYS B 349 -2.21 -20.39 17.83
C CYS B 349 -1.55 -19.99 16.51
N HIS B 350 -0.53 -20.73 16.12
CA HIS B 350 0.18 -20.56 14.84
C HIS B 350 0.97 -21.83 14.53
N ALA B 351 1.44 -21.96 13.30
CA ALA B 351 2.01 -23.24 12.85
C ALA B 351 3.30 -23.64 13.54
N ASN B 352 3.96 -22.69 14.20
CA ASN B 352 5.22 -23.02 14.88
C ASN B 352 5.09 -23.27 16.37
N LEU B 353 3.85 -23.31 16.85
CA LEU B 353 3.60 -23.57 18.26
C LEU B 353 3.56 -25.07 18.49
N ASN B 354 4.62 -25.61 19.07
CA ASN B 354 4.74 -27.07 19.19
C ASN B 354 3.87 -27.66 20.29
N LEU B 355 3.79 -28.97 20.32
CA LEU B 355 2.89 -29.66 21.23
C LEU B 355 3.16 -29.32 22.69
N GLU B 356 4.43 -29.34 23.08
CA GLU B 356 4.81 -29.06 24.46
C GLU B 356 4.40 -27.63 24.84
N SER B 357 4.58 -26.70 23.91
CA SER B 357 4.18 -25.32 24.16
C SER B 357 2.69 -25.20 24.37
N VAL B 358 1.91 -25.85 23.52
CA VAL B 358 0.46 -25.78 23.68
C VAL B 358 0.02 -26.39 25.02
N GLN B 359 0.62 -27.54 25.37
CA GLN B 359 0.28 -28.15 26.66
C GLN B 359 0.62 -27.22 27.80
N ASN B 360 1.76 -26.52 27.72
CA ASN B 360 2.12 -25.59 28.77
C ASN B 360 1.21 -24.37 28.85
N ILE B 361 0.90 -23.80 27.69
CA ILE B 361 0.00 -22.65 27.67
C ILE B 361 -1.38 -23.05 28.21
N ALA B 362 -1.91 -24.17 27.73
CA ALA B 362 -3.25 -24.58 28.11
C ALA B 362 -3.37 -24.81 29.62
N HIS B 363 -2.39 -25.50 30.20
CA HIS B 363 -2.41 -25.72 31.63
C HIS B 363 -2.27 -24.39 32.41
N SER B 364 -1.46 -23.46 31.90
CA SER B 364 -1.32 -22.11 32.48
C SER B 364 -2.61 -21.29 32.40
N VAL B 365 -3.33 -21.38 31.28
CA VAL B 365 -4.63 -20.70 31.13
C VAL B 365 -5.58 -21.20 32.21
N LEU B 366 -5.63 -22.52 32.40
CA LEU B 366 -6.52 -23.06 33.42
C LEU B 366 -6.14 -22.56 34.80
N LYS B 367 -4.83 -22.53 35.09
CA LYS B 367 -4.36 -22.07 36.40
C LYS B 367 -4.73 -20.62 36.63
N THR B 368 -4.67 -19.82 35.57
CA THR B 368 -5.01 -18.41 35.65
C THR B 368 -6.47 -18.24 36.06
N PHE B 369 -7.36 -18.92 35.34
CA PHE B 369 -8.78 -18.84 35.66
C PHE B 369 -9.10 -19.34 37.05
N GLU B 370 -8.43 -20.43 37.44
CA GLU B 370 -8.63 -21.00 38.76
C GLU B 370 -8.35 -19.96 39.86
N SER B 371 -7.39 -19.07 39.61
CA SER B 371 -6.94 -18.11 40.62
C SER B 371 -7.95 -17.00 40.92
N PHE B 372 -8.96 -16.84 40.07
CA PHE B 372 -9.93 -15.76 40.23
C PHE B 372 -11.18 -16.25 40.95
N LYS B 373 -11.26 -15.95 42.24
CA LYS B 373 -12.36 -16.42 43.08
C LYS B 373 -13.54 -15.47 42.95
N ILE B 374 -14.70 -16.04 42.56
CA ILE B 374 -15.91 -15.30 42.15
C ILE B 374 -15.65 -14.09 41.24
N1 PMP C . 5.43 11.11 -8.40
C2 PMP C . 6.33 11.03 -9.41
C2A PMP C . 7.01 12.30 -9.84
C3 PMP C . 6.76 9.77 -9.87
O3 PMP C . 7.80 9.68 -10.75
C4 PMP C . 6.07 8.62 -9.43
C4A PMP C . 6.34 7.25 -10.02
N4A PMP C . 6.91 7.34 -11.35
C5 PMP C . 5.13 8.75 -8.42
C6 PMP C . 4.81 9.99 -7.91
C5A PMP C . 4.46 7.53 -7.79
O4P PMP C . 5.41 6.88 -6.97
P PMP C . 5.24 5.33 -6.57
O1P PMP C . 5.62 4.58 -7.83
O2P PMP C . 6.22 5.10 -5.44
O3P PMP C . 3.79 5.08 -6.20
C1' UD1 D . 6.15 4.92 -13.93
C2' UD1 D . 6.91 6.21 -14.22
C3' UD1 D . 8.03 6.46 -13.22
C4' UD1 D . 7.52 6.30 -11.79
C5' UD1 D . 6.77 4.98 -11.54
C6' UD1 D . 7.73 3.79 -11.43
C7' UD1 D . 6.81 6.71 -16.63
C8' UD1 D . 7.42 6.56 -18.00
N2' UD1 D . 7.44 6.14 -15.59
O1' UD1 D . 6.97 3.84 -14.33
O3' UD1 D . 8.52 7.80 -13.35
O5' UD1 D . 5.77 4.77 -12.55
O7' UD1 D . 5.79 7.35 -16.48
N1 UD1 D . 12.42 -1.76 -13.95
C2 UD1 D . 13.36 -2.56 -13.28
N3 UD1 D . 13.00 -3.21 -12.15
C4 UD1 D . 11.74 -3.12 -11.67
C5 UD1 D . 10.77 -2.36 -12.29
C6 UD1 D . 11.10 -1.66 -13.45
O2 UD1 D . 14.55 -2.67 -13.72
O4 UD1 D . 11.45 -3.75 -10.63
C1B UD1 D . 12.83 -1.07 -15.20
C2B UD1 D . 12.67 -2.10 -16.31
O2' UD1 D . 13.79 -2.01 -17.20
C3B UD1 D . 11.38 -1.69 -17.00
C4B UD1 D . 11.36 -0.19 -16.80
O4B UD1 D . 11.97 0.03 -15.52
O3B UD1 D . 11.36 -2.02 -18.40
C5B UD1 D . 9.93 0.32 -16.81
O5B UD1 D . 9.99 1.72 -16.57
PA UD1 D . 8.69 2.65 -16.79
O1A UD1 D . 9.06 4.03 -16.25
O2A UD1 D . 8.23 2.48 -18.22
O3A UD1 D . 7.67 1.90 -15.77
PB UD1 D . 6.35 2.59 -15.13
O1B UD1 D . 5.45 3.10 -16.25
O2B UD1 D . 5.80 1.62 -14.09
N1 PMP E . -10.22 -7.58 7.83
C2 PMP E . -9.98 -8.39 8.90
C2A PMP E . -11.09 -9.33 9.36
C3 PMP E . -8.74 -8.35 9.53
O3 PMP E . -8.47 -9.19 10.59
C4 PMP E . -7.72 -7.46 9.09
C4A PMP E . -6.40 -7.33 9.81
N4A PMP E . -6.52 -7.55 11.24
C5 PMP E . -7.97 -6.69 7.96
C6 PMP E . -9.20 -6.81 7.31
C5A PMP E . -6.93 -5.74 7.39
O4P PMP E . -5.97 -6.54 6.72
P PMP E . -4.49 -5.95 6.46
O1P PMP E . -3.78 -6.01 7.80
O2P PMP E . -3.87 -6.92 5.50
O3P PMP E . -4.59 -4.56 5.88
C1' UD1 F . -4.77 -5.96 13.80
C2' UD1 F . -5.85 -7.02 14.08
C3' UD1 F . -5.67 -8.28 13.23
C4' UD1 F . -5.43 -7.91 11.76
C5' UD1 F . -4.36 -6.82 11.54
C6' UD1 F . -2.94 -7.36 11.65
C7' UD1 F . -6.68 -6.79 16.39
C8' UD1 F . -6.46 -7.10 17.85
N2' UD1 F . -5.85 -7.36 15.50
O1' UD1 F . -3.52 -6.35 14.38
O3' UD1 F . -6.85 -9.11 13.32
O5' UD1 F . -4.59 -5.68 12.40
O7' UD1 F . -7.58 -6.07 16.06
N1 UD1 F . 3.44 -9.96 15.33
C2 UD1 F . 4.50 -10.76 14.88
N3 UD1 F . 5.14 -10.44 13.75
C4 UD1 F . 4.81 -9.35 13.03
C5 UD1 F . 3.76 -8.52 13.42
C6 UD1 F . 3.06 -8.82 14.59
O2 UD1 F . 4.84 -11.77 15.53
O4 UD1 F . 5.44 -9.09 11.99
C1B UD1 F . 2.75 -10.34 16.58
C2B UD1 F . 3.50 -9.67 17.73
O2' UD1 F . 3.62 -10.61 18.81
C3B UD1 F . 2.62 -8.51 18.12
C4B UD1 F . 1.24 -9.01 17.77
O4B UD1 F . 1.40 -9.87 16.64
O3B UD1 F . 2.71 -8.18 19.52
C5B UD1 F . 0.33 -7.84 17.42
O5B UD1 F . -0.95 -8.37 17.09
PA UD1 F . -2.23 -7.38 17.12
O1A UD1 F . -3.42 -8.14 16.56
O2A UD1 F . -2.31 -6.77 18.52
O3A UD1 F . -1.67 -6.30 16.06
PB UD1 F . -2.61 -5.30 15.21
O1B UD1 F . -3.51 -4.51 16.14
O2B UD1 F . -1.71 -4.59 14.21
#